data_1QD8
# 
_entry.id   1QD8 
# 
_audit_conform.dict_name       mmcif_pdbx.dic 
_audit_conform.dict_version    5.383 
_audit_conform.dict_location   http://mmcif.pdb.org/dictionaries/ascii/mmcif_pdbx.dic 
# 
loop_
_database_2.database_id 
_database_2.database_code 
_database_2.pdbx_database_accession 
_database_2.pdbx_DOI 
PDB   1QD8         pdb_00001qd8 10.2210/pdb1qd8/pdb 
RCSB  RCSB001223   ?            ?                   
WWPDB D_1000001223 ?            ?                   
# 
loop_
_pdbx_audit_revision_history.ordinal 
_pdbx_audit_revision_history.data_content_type 
_pdbx_audit_revision_history.major_revision 
_pdbx_audit_revision_history.minor_revision 
_pdbx_audit_revision_history.revision_date 
1 'Structure model' 1 0 1999-08-16 
2 'Structure model' 1 1 2011-06-14 
3 'Structure model' 1 2 2011-07-13 
4 'Structure model' 1 3 2011-07-27 
5 'Structure model' 1 4 2012-12-12 
6 'Structure model' 2 0 2020-07-29 
7 'Structure model' 2 1 2023-12-27 
# 
loop_
_pdbx_audit_revision_details.ordinal 
_pdbx_audit_revision_details.revision_ordinal 
_pdbx_audit_revision_details.data_content_type 
_pdbx_audit_revision_details.provider 
_pdbx_audit_revision_details.type 
_pdbx_audit_revision_details.description 
_pdbx_audit_revision_details.details 
1 1 'Structure model' repository 'Initial release' ?                          ? 
2 6 'Structure model' repository Remediation       'Carbohydrate remediation' ? 
# 
loop_
_pdbx_audit_revision_group.ordinal 
_pdbx_audit_revision_group.revision_ordinal 
_pdbx_audit_revision_group.data_content_type 
_pdbx_audit_revision_group.group 
1  2 'Structure model' 'Version format compliance' 
2  3 'Structure model' 'Version format compliance' 
3  4 'Structure model' 'Atomic model'              
4  4 'Structure model' 'Database references'       
5  4 'Structure model' 'Derived calculations'      
6  4 'Structure model' 'Non-polymer description'   
7  4 'Structure model' 'Structure summary'         
8  5 'Structure model' Other                       
9  6 'Structure model' Advisory                    
10 6 'Structure model' 'Atomic model'              
11 6 'Structure model' 'Data collection'           
12 6 'Structure model' 'Derived calculations'      
13 6 'Structure model' 'Polymer sequence'          
14 6 'Structure model' 'Refinement description'    
15 6 'Structure model' 'Structure summary'         
16 7 'Structure model' 'Data collection'           
17 7 'Structure model' 'Database references'       
18 7 'Structure model' 'Derived calculations'      
19 7 'Structure model' 'Structure summary'         
# 
loop_
_pdbx_audit_revision_category.ordinal 
_pdbx_audit_revision_category.revision_ordinal 
_pdbx_audit_revision_category.data_content_type 
_pdbx_audit_revision_category.category 
1  6 'Structure model' atom_site                     
2  6 'Structure model' chem_comp                     
3  6 'Structure model' database_PDB_caveat           
4  6 'Structure model' entity                        
5  6 'Structure model' entity_poly                   
6  6 'Structure model' pdbx_branch_scheme            
7  6 'Structure model' pdbx_chem_comp_identifier     
8  6 'Structure model' pdbx_entity_branch            
9  6 'Structure model' pdbx_entity_branch_descriptor 
10 6 'Structure model' pdbx_entity_branch_link       
11 6 'Structure model' pdbx_entity_branch_list       
12 6 'Structure model' pdbx_entity_nonpoly           
13 6 'Structure model' pdbx_molecule                 
14 6 'Structure model' pdbx_nonpoly_scheme           
15 6 'Structure model' pdbx_struct_assembly          
16 6 'Structure model' pdbx_struct_assembly_gen      
17 6 'Structure model' pdbx_struct_special_symmetry  
18 6 'Structure model' pdbx_validate_chiral          
19 6 'Structure model' pdbx_validate_close_contact   
20 6 'Structure model' software                      
21 6 'Structure model' struct_asym                   
22 6 'Structure model' struct_conn                   
23 6 'Structure model' struct_site                   
24 6 'Structure model' struct_site_gen               
25 7 'Structure model' chem_comp                     
26 7 'Structure model' chem_comp_atom                
27 7 'Structure model' chem_comp_bond                
28 7 'Structure model' database_2                    
29 7 'Structure model' struct_conn                   
# 
loop_
_pdbx_audit_revision_item.ordinal 
_pdbx_audit_revision_item.revision_ordinal 
_pdbx_audit_revision_item.data_content_type 
_pdbx_audit_revision_item.item 
1  6 'Structure model' '_atom_site.B_iso_or_equiv'                   
2  6 'Structure model' '_atom_site.Cartn_x'                          
3  6 'Structure model' '_atom_site.Cartn_y'                          
4  6 'Structure model' '_atom_site.Cartn_z'                          
5  6 'Structure model' '_atom_site.auth_asym_id'                     
6  6 'Structure model' '_atom_site.auth_atom_id'                     
7  6 'Structure model' '_atom_site.auth_comp_id'                     
8  6 'Structure model' '_atom_site.auth_seq_id'                      
9  6 'Structure model' '_atom_site.label_alt_id'                     
10 6 'Structure model' '_atom_site.label_asym_id'                    
11 6 'Structure model' '_atom_site.label_atom_id'                    
12 6 'Structure model' '_atom_site.label_comp_id'                    
13 6 'Structure model' '_atom_site.label_entity_id'                  
14 6 'Structure model' '_atom_site.occupancy'                        
15 6 'Structure model' '_atom_site.type_symbol'                      
16 6 'Structure model' '_chem_comp.name'                             
17 6 'Structure model' '_chem_comp.type'                             
18 6 'Structure model' '_entity_poly.pdbx_seq_one_letter_code_can'   
19 6 'Structure model' '_pdbx_struct_assembly.method_details'        
20 6 'Structure model' '_pdbx_struct_assembly_gen.asym_id_list'      
21 6 'Structure model' '_pdbx_struct_special_symmetry.label_asym_id' 
22 6 'Structure model' '_pdbx_validate_chiral.auth_asym_id'          
23 6 'Structure model' '_pdbx_validate_chiral.auth_seq_id'           
24 6 'Structure model' '_pdbx_validate_close_contact.auth_asym_id_1' 
25 6 'Structure model' '_pdbx_validate_close_contact.auth_asym_id_2' 
26 6 'Structure model' '_pdbx_validate_close_contact.auth_seq_id_1'  
27 6 'Structure model' '_pdbx_validate_close_contact.auth_seq_id_2'  
28 6 'Structure model' '_struct_conn.pdbx_dist_value'                
29 6 'Structure model' '_struct_conn.pdbx_leaving_atom_flag'         
30 6 'Structure model' '_struct_conn.pdbx_ptnr1_label_alt_id'        
31 6 'Structure model' '_struct_conn.pdbx_ptnr2_label_alt_id'        
32 6 'Structure model' '_struct_conn.ptnr1_auth_asym_id'             
33 6 'Structure model' '_struct_conn.ptnr1_auth_comp_id'             
34 6 'Structure model' '_struct_conn.ptnr1_auth_seq_id'              
35 6 'Structure model' '_struct_conn.ptnr1_label_asym_id'            
36 6 'Structure model' '_struct_conn.ptnr1_label_atom_id'            
37 6 'Structure model' '_struct_conn.ptnr1_label_comp_id'            
38 6 'Structure model' '_struct_conn.ptnr1_label_seq_id'             
39 6 'Structure model' '_struct_conn.ptnr2_auth_asym_id'             
40 6 'Structure model' '_struct_conn.ptnr2_auth_comp_id'             
41 6 'Structure model' '_struct_conn.ptnr2_auth_seq_id'              
42 6 'Structure model' '_struct_conn.ptnr2_label_asym_id'            
43 6 'Structure model' '_struct_conn.ptnr2_label_atom_id'            
44 6 'Structure model' '_struct_conn.ptnr2_label_comp_id'            
45 6 'Structure model' '_struct_conn.ptnr2_label_seq_id'             
46 7 'Structure model' '_chem_comp.pdbx_synonyms'                    
47 7 'Structure model' '_database_2.pdbx_DOI'                        
48 7 'Structure model' '_database_2.pdbx_database_accession'         
49 7 'Structure model' '_struct_conn.pdbx_leaving_atom_flag'         
# 
_database_PDB_caveat.id     1 
_database_PDB_caveat.text   'BGC D 1 HAS WRONG CHIRALITY AT ATOM C5' 
# 
_pdbx_database_status.entry_id                        1QD8 
_pdbx_database_status.status_code                     REL 
_pdbx_database_status.deposit_site                    RCSB 
_pdbx_database_status.process_site                    RCSB 
_pdbx_database_status.recvd_initial_deposition_date   1999-07-15 
_pdbx_database_status.SG_entry                        . 
_pdbx_database_status.pdb_format_compatible           Y 
_pdbx_database_status.status_code_mr                  ? 
_pdbx_database_status.status_code_sf                  ? 
_pdbx_database_status.status_code_cs                  ? 
_pdbx_database_status.status_code_nmr_data            ? 
_pdbx_database_status.methods_development_category    ? 
# 
loop_
_pdbx_database_related.db_name 
_pdbx_database_related.db_id 
_pdbx_database_related.content_type 
_pdbx_database_related.details 
PDB 1AA5 unspecified 'CRYSTAL STRUCTURE OF VANCOMYCIN'                                                                            
PDB 1C0Q unspecified 'CRYSTAL STRUCTURE OF VANCOMYCIN COMPLEXED WITH 2-ACETOXY-D-PROPANOIC ACID'                                  
PDB 1C0R unspecified 'CRYSTAL STRUCTURE OF VANCOMYCIN WITH D-LACTIC ACID'                                                         
PDB 1FVM unspecified 'CRYSTAL STRUCTURE OF VANCOMYCIN COMPLEXED WITH DI-ACETYL-LYS-D-ALA-D-ALA'                                   
PDB 1GAC unspecified 'SOLUTION STRUCTURE OF A82846B COMPLEXED WITH ITS CELL WALL PENTAPEPTIDE FRAGMENT'                           
PDB 1GHG unspecified 'CRYSTAL STRUCTURE OF VANCOMYCIN AGLYCON'                                                                    
PDB 1PN3 unspecified 'CRYSTAL STRUCTURE OF TDP-EPI-VANCOSAMINYLTRANSFERASE GTFA COMPLEXD WITH TDP AND DESVANCOSAMINYL VANCOMYCIN' 
PDB 1PNV unspecified 'CRYSTAL STRUCTURE OF TDP-EPI-VANCOSAMINYLTRANSFERASE GTFA COMPLEXED WITH TDP AND VANCOMYCIN'                
PDB 1RRV unspecified 'CRYSTAL STRUCTURE OF TDP-VANCOSAMINYLTRANSFERASE GTFD COMPLEXED WITH TDP AND DESVANCOSAMINYL VANCOMYCIN.'   
PDB 1SHO unspecified 'CRYSTAL STRUCTURE OF VANCOMYCIN'                                                                            
# 
loop_
_audit_author.name 
_audit_author.pdbx_ordinal 
'Loll, P.J.'    1 
'Kaplan, J.'    2 
'Selinsky, B.'  3 
'Axelsen, P.H.' 4 
# 
_citation.id                        primary 
_citation.title                     
'Vancomycin Binding to Low-Affinity Ligands: Delineating a Minimum Set of Interactions Necessary for High-Affinity Binding.' 
_citation.journal_abbrev            J.Med.Chem. 
_citation.journal_volume            42 
_citation.page_first                4714 
_citation.page_last                 ? 
_citation.year                      1999 
_citation.journal_id_ASTM           JMCMAR 
_citation.country                   US 
_citation.journal_id_ISSN           0022-2623 
_citation.journal_id_CSD            0151 
_citation.book_publisher            ? 
_citation.pdbx_database_id_PubMed   10579833 
_citation.pdbx_database_id_DOI      10.1021/JM990361T 
# 
loop_
_citation_author.citation_id 
_citation_author.name 
_citation_author.ordinal 
_citation_author.identifier_ORCID 
primary 'Loll, P.J.'     1 ? 
primary 'Kaplan, J.'     2 ? 
primary 'Selinsky, B.S.' 3 ? 
primary 'Axelsen, P.H.'  4 ? 
# 
loop_
_entity.id 
_entity.type 
_entity.src_method 
_entity.pdbx_description 
_entity.formula_weight 
_entity.pdbx_number_of_molecules 
_entity.pdbx_ec 
_entity.pdbx_mutation 
_entity.pdbx_fragment 
_entity.details 
1 polymer     man VANCOMYCIN                               1149.977 2  ? ? ? ? 
2 branched    man 'vancosamine-(1-2)-beta-D-glucopyranose' 323.340  2  ? ? ? ? 
3 non-polymer syn 'CHLORIDE ION'                           35.453   3  ? ? ? ? 
4 non-polymer syn 'ACETYLAMINO-ACETIC ACID'                117.103  1  ? ? ? ? 
5 water       nat water                                    18.015   40 ? ? ? ? 
# 
_entity_poly.entity_id                      1 
_entity_poly.type                           'polypeptide(L)' 
_entity_poly.nstd_linkage                   no 
_entity_poly.nstd_monomer                   yes 
_entity_poly.pdbx_seq_one_letter_code       '(MLU)(OMZ)N(GHP)(GHP)(OMY)(3FG)' 
_entity_poly.pdbx_seq_one_letter_code_can   XXNGGYX 
_entity_poly.pdbx_strand_id                 A,B 
_entity_poly.pdbx_target_identifier         ? 
# 
loop_
_pdbx_entity_nonpoly.entity_id 
_pdbx_entity_nonpoly.name 
_pdbx_entity_nonpoly.comp_id 
3 'CHLORIDE ION'            CL  
4 'ACETYLAMINO-ACETIC ACID' AAC 
5 water                     HOH 
# 
loop_
_entity_poly_seq.entity_id 
_entity_poly_seq.num 
_entity_poly_seq.mon_id 
_entity_poly_seq.hetero 
1 1 MLU n 
1 2 OMZ n 
1 3 ASN n 
1 4 GHP n 
1 5 GHP n 
1 6 OMY n 
1 7 3FG n 
# 
_entity_src_gen.entity_id                          1 
_entity_src_gen.pdbx_src_id                        1 
_entity_src_gen.pdbx_alt_source_flag               sample 
_entity_src_gen.pdbx_seq_type                      ? 
_entity_src_gen.pdbx_beg_seq_num                   ? 
_entity_src_gen.pdbx_end_seq_num                   ? 
_entity_src_gen.gene_src_common_name               ? 
_entity_src_gen.gene_src_genus                     ? 
_entity_src_gen.pdbx_gene_src_gene                 ? 
_entity_src_gen.gene_src_species                   ? 
_entity_src_gen.gene_src_strain                    ? 
_entity_src_gen.gene_src_tissue                    ? 
_entity_src_gen.gene_src_tissue_fraction           ? 
_entity_src_gen.gene_src_details                   ? 
_entity_src_gen.pdbx_gene_src_fragment             ? 
_entity_src_gen.pdbx_gene_src_scientific_name      'AMYCOLATOPSIS ORIENTALIS' 
_entity_src_gen.pdbx_gene_src_ncbi_taxonomy_id     31958 
_entity_src_gen.pdbx_gene_src_variant              ? 
_entity_src_gen.pdbx_gene_src_cell_line            ? 
_entity_src_gen.pdbx_gene_src_atcc                 ? 
_entity_src_gen.pdbx_gene_src_organ                ? 
_entity_src_gen.pdbx_gene_src_organelle            ? 
_entity_src_gen.pdbx_gene_src_cell                 ? 
_entity_src_gen.pdbx_gene_src_cellular_location    ? 
_entity_src_gen.host_org_common_name               ? 
_entity_src_gen.pdbx_host_org_scientific_name      ? 
_entity_src_gen.pdbx_host_org_ncbi_taxonomy_id     ? 
_entity_src_gen.host_org_genus                     ? 
_entity_src_gen.pdbx_host_org_gene                 ? 
_entity_src_gen.pdbx_host_org_organ                ? 
_entity_src_gen.host_org_species                   ? 
_entity_src_gen.pdbx_host_org_tissue               ? 
_entity_src_gen.pdbx_host_org_tissue_fraction      ? 
_entity_src_gen.pdbx_host_org_strain               ? 
_entity_src_gen.pdbx_host_org_variant              ? 
_entity_src_gen.pdbx_host_org_cell_line            ? 
_entity_src_gen.pdbx_host_org_atcc                 ? 
_entity_src_gen.pdbx_host_org_culture_collection   ? 
_entity_src_gen.pdbx_host_org_cell                 ? 
_entity_src_gen.pdbx_host_org_organelle            ? 
_entity_src_gen.pdbx_host_org_cellular_location    ? 
_entity_src_gen.pdbx_host_org_vector_type          ? 
_entity_src_gen.pdbx_host_org_vector               ? 
_entity_src_gen.host_org_details                   ? 
_entity_src_gen.expression_system_id               ? 
_entity_src_gen.plasmid_name                       ? 
_entity_src_gen.plasmid_details                    ? 
_entity_src_gen.pdbx_description                   ? 
# 
_pdbx_entity_branch.entity_id   2 
_pdbx_entity_branch.type        oligosaccharide 
# 
loop_
_pdbx_entity_branch_descriptor.ordinal 
_pdbx_entity_branch_descriptor.entity_id 
_pdbx_entity_branch_descriptor.descriptor 
_pdbx_entity_branch_descriptor.type 
_pdbx_entity_branch_descriptor.program 
_pdbx_entity_branch_descriptor.program_version 
1 2 'WURCS=2.0/2,2,1/[a2122h-1b_1-5][ad621m-1a_1-5_3*C_3*N]/1-2/a2-b1' WURCS  PDB2Glycan 1.1.0 
2 2 '[][D-1-deoxy-Glcp]{[(2+1)][a-L-2-deoxy-Fucp3N]{}}'                LINUCS PDB-CARE   ?     
# 
_pdbx_entity_branch_link.link_id                    1 
_pdbx_entity_branch_link.entity_id                  2 
_pdbx_entity_branch_link.entity_branch_list_num_1   2 
_pdbx_entity_branch_link.comp_id_1                  RER 
_pdbx_entity_branch_link.atom_id_1                  C1 
_pdbx_entity_branch_link.leaving_atom_id_1          O1 
_pdbx_entity_branch_link.entity_branch_list_num_2   1 
_pdbx_entity_branch_link.comp_id_2                  BGC 
_pdbx_entity_branch_link.atom_id_2                  O2 
_pdbx_entity_branch_link.leaving_atom_id_2          HO2 
_pdbx_entity_branch_link.value_order                sing 
_pdbx_entity_branch_link.details                    ? 
# 
loop_
_chem_comp.id 
_chem_comp.type 
_chem_comp.mon_nstd_flag 
_chem_comp.name 
_chem_comp.pdbx_synonyms 
_chem_comp.formula 
_chem_comp.formula_weight 
3FG 'L-peptide linking'           . '(2S)-amino(3,5-dihydroxyphenyl)ethanoic acid' ? 'C8 H9 N O4'     183.161 
AAC non-polymer                   . 'ACETYLAMINO-ACETIC ACID'                      ? 'C4 H7 N O3'     117.103 
ASN 'L-peptide linking'           y ASPARAGINE                                     ? 'C4 H8 N2 O3'    132.118 
BGC 'D-saccharide, beta linking'  . beta-D-glucopyranose                           'beta-D-glucose; D-glucose; glucose' 
'C6 H12 O6'      180.156 
CL  non-polymer                   . 'CHLORIDE ION'                                 ? 'Cl -1'          35.453  
GHP 'D-peptide linking'           . '(2R)-amino(4-hydroxyphenyl)ethanoic acid'     ? 'C8 H9 N O3'     167.162 
HOH non-polymer                   . WATER                                          ? 'H2 O'           18.015  
MLU 'D-peptide linking'           . N-methyl-D-leucine                             ? 'C7 H15 N O2'    145.199 
OMY 'L-peptide linking'           n '(betaR)-3-chloro-beta-hydroxy-L-tyrosine'     ? 'C9 H10 Cl N O4' 231.633 
OMZ 'D-peptide linking'           . '(betaR)-3-CHLORO-BETA-HYDROXY-D-TYROSINE'     ? 'C9 H10 Cl N O4' 231.633 
RER 'L-saccharide, alpha linking' . vancosamine                                    
'(1R,3S,4S,5S)-3-amino-2,3,6-trideoxy-3-methyl-alpha-L-arabino-hexopyranose' 'C7 H15 N O3'    161.199 
# 
loop_
_pdbx_chem_comp_identifier.comp_id 
_pdbx_chem_comp_identifier.type 
_pdbx_chem_comp_identifier.program 
_pdbx_chem_comp_identifier.program_version 
_pdbx_chem_comp_identifier.identifier 
BGC 'CONDENSED IUPAC CARBOHYDRATE SYMBOL' GMML     1.0 DGlcpb            
BGC 'COMMON NAME'                         GMML     1.0 b-D-glucopyranose 
BGC 'IUPAC CARBOHYDRATE SYMBOL'           PDB-CARE 1.0 b-D-Glcp          
BGC 'SNFG CARBOHYDRATE SYMBOL'            GMML     1.0 Glc               
# 
loop_
_pdbx_poly_seq_scheme.asym_id 
_pdbx_poly_seq_scheme.entity_id 
_pdbx_poly_seq_scheme.seq_id 
_pdbx_poly_seq_scheme.mon_id 
_pdbx_poly_seq_scheme.ndb_seq_num 
_pdbx_poly_seq_scheme.pdb_seq_num 
_pdbx_poly_seq_scheme.auth_seq_num 
_pdbx_poly_seq_scheme.pdb_mon_id 
_pdbx_poly_seq_scheme.auth_mon_id 
_pdbx_poly_seq_scheme.pdb_strand_id 
_pdbx_poly_seq_scheme.pdb_ins_code 
_pdbx_poly_seq_scheme.hetero 
A 1 1 MLU 1 1 1 MLU MLU A . n 
A 1 2 OMZ 2 2 2 OMZ OMZ A . n 
A 1 3 ASN 3 3 3 ASN ASN A . n 
A 1 4 GHP 4 4 4 GHP GHP A . n 
A 1 5 GHP 5 5 5 GHP GHP A . n 
A 1 6 OMY 6 6 6 OMY OMY A . n 
A 1 7 3FG 7 7 7 3FG 3FG A . n 
B 1 1 MLU 1 1 1 MLU MLU B . n 
B 1 2 OMZ 2 2 2 OMZ OMZ B . n 
B 1 3 ASN 3 3 3 ASN ASN B . n 
B 1 4 GHP 4 4 4 GHP GHP B . n 
B 1 5 GHP 5 5 5 GHP GHP B . n 
B 1 6 OMY 6 6 6 OMY OMY B . n 
B 1 7 3FG 7 7 7 3FG 3FG B . n 
# 
loop_
_pdbx_branch_scheme.asym_id 
_pdbx_branch_scheme.entity_id 
_pdbx_branch_scheme.mon_id 
_pdbx_branch_scheme.num 
_pdbx_branch_scheme.pdb_asym_id 
_pdbx_branch_scheme.pdb_mon_id 
_pdbx_branch_scheme.pdb_seq_num 
_pdbx_branch_scheme.auth_asym_id 
_pdbx_branch_scheme.auth_mon_id 
_pdbx_branch_scheme.auth_seq_num 
_pdbx_branch_scheme.hetero 
C 2 BGC 1 C BGC 1 A BGC 8 n 
C 2 RER 2 C RER 2 A RER 9 n 
D 2 BGC 1 D BGC 1 B BGC 8 n 
D 2 RER 2 D RER 2 B RER 9 n 
# 
loop_
_pdbx_nonpoly_scheme.asym_id 
_pdbx_nonpoly_scheme.entity_id 
_pdbx_nonpoly_scheme.mon_id 
_pdbx_nonpoly_scheme.ndb_seq_num 
_pdbx_nonpoly_scheme.pdb_seq_num 
_pdbx_nonpoly_scheme.auth_seq_num 
_pdbx_nonpoly_scheme.pdb_mon_id 
_pdbx_nonpoly_scheme.auth_mon_id 
_pdbx_nonpoly_scheme.pdb_strand_id 
_pdbx_nonpoly_scheme.pdb_ins_code 
E 3 CL  1  12  12  CL  CL  A . 
F 3 CL  1  13  13  CL  CL  A . 
G 4 AAC 1  11  11  AAC AAC B . 
H 3 CL  1  12  12  CL  CL  B . 
I 5 HOH 1  110 110 HOH HOH A . 
I 5 HOH 2  111 111 HOH HOH A . 
I 5 HOH 3  112 112 HOH HOH A . 
I 5 HOH 4  113 113 HOH HOH A . 
I 5 HOH 5  114 114 HOH HOH A . 
I 5 HOH 6  115 115 HOH HOH A . 
I 5 HOH 7  116 116 HOH HOH A . 
I 5 HOH 8  117 117 HOH HOH A . 
I 5 HOH 9  118 118 HOH HOH A . 
I 5 HOH 10 119 119 HOH HOH A . 
I 5 HOH 11 120 120 HOH HOH A . 
I 5 HOH 12 121 121 HOH HOH A . 
I 5 HOH 13 122 122 HOH HOH A . 
I 5 HOH 14 123 123 HOH HOH A . 
I 5 HOH 15 124 124 HOH HOH A . 
I 5 HOH 16 125 125 HOH HOH A . 
I 5 HOH 17 126 126 HOH HOH A . 
I 5 HOH 18 127 127 HOH HOH A . 
I 5 HOH 19 128 128 HOH HOH A . 
I 5 HOH 20 129 129 HOH HOH A . 
I 5 HOH 21 130 130 HOH HOH A . 
I 5 HOH 22 131 131 HOH HOH A . 
I 5 HOH 23 132 132 HOH HOH A . 
I 5 HOH 24 133 133 HOH HOH A . 
I 5 HOH 25 134 134 HOH HOH A . 
I 5 HOH 26 135 135 HOH HOH A . 
I 5 HOH 27 136 136 HOH HOH A . 
I 5 HOH 28 137 137 HOH HOH A . 
I 5 HOH 29 138 138 HOH HOH A . 
I 5 HOH 30 139 139 HOH HOH A . 
I 5 HOH 31 140 140 HOH HOH A . 
I 5 HOH 32 141 141 HOH HOH A . 
I 5 HOH 33 142 142 HOH HOH A . 
I 5 HOH 34 143 143 HOH HOH A . 
I 5 HOH 35 144 144 HOH HOH A . 
I 5 HOH 36 145 145 HOH HOH A . 
I 5 HOH 37 146 146 HOH HOH A . 
I 5 HOH 38 147 147 HOH HOH A . 
I 5 HOH 39 148 148 HOH HOH A . 
I 5 HOH 40 149 149 HOH HOH A . 
# 
loop_
_software.name 
_software.classification 
_software.version 
_software.citation_id 
_software.pdbx_ordinal 
SHELXL    refinement       . ? 1 
DENZO     'data reduction' . ? 2 
SCALEPACK 'data scaling'   . ? 3 
# 
_cell.entry_id           1QD8 
_cell.length_a           28.710 
_cell.length_b           28.710 
_cell.length_c           66.770 
_cell.angle_alpha        90.00 
_cell.angle_beta         90.00 
_cell.angle_gamma        90.00 
_cell.Z_PDB              16 
_cell.pdbx_unique_axis   ? 
# 
_symmetry.entry_id                         1QD8 
_symmetry.space_group_name_H-M             'P 43 21 2' 
_symmetry.pdbx_full_space_group_name_H-M   ? 
_symmetry.cell_setting                     ? 
_symmetry.Int_Tables_number                96 
# 
_exptl.entry_id          1QD8 
_exptl.method            'X-RAY DIFFRACTION' 
_exptl.crystals_number   1 
# 
_exptl_crystal.id                    1 
_exptl_crystal.density_meas          ? 
_exptl_crystal.density_Matthews      2.99 
_exptl_crystal.density_percent_sol   58.88 
_exptl_crystal.description           ? 
# 
_exptl_crystal_grow.crystal_id      1 
_exptl_crystal_grow.method          ? 
_exptl_crystal_grow.temp            ? 
_exptl_crystal_grow.temp_details    ? 
_exptl_crystal_grow.pH              4.6 
_exptl_crystal_grow.pdbx_pH_range   ? 
_exptl_crystal_grow.pdbx_details    'SODIUM CHLORIDE, N-ACETYL GLYCINE, PH 4.6, VAPOR DIFFUSION/HANGING DROP, TEMPERATURE 291K' 
# 
_diffrn.id                     1 
_diffrn.ambient_temp           100 
_diffrn.ambient_temp_details   ? 
_diffrn.crystal_id             1 
# 
_diffrn_detector.diffrn_id              1 
_diffrn_detector.detector               CCD 
_diffrn_detector.type                   CUSTOM-MADE 
_diffrn_detector.pdbx_collection_date   1996-09-19 
_diffrn_detector.details                ? 
# 
_diffrn_radiation.diffrn_id                        1 
_diffrn_radiation.wavelength_id                    1 
_diffrn_radiation.pdbx_monochromatic_or_laue_m_l   M 
_diffrn_radiation.monochromator                    ? 
_diffrn_radiation.pdbx_diffrn_protocol             'SINGLE WAVELENGTH' 
_diffrn_radiation.pdbx_scattering_type             x-ray 
# 
_diffrn_radiation_wavelength.id           1 
_diffrn_radiation_wavelength.wavelength   0.918 
_diffrn_radiation_wavelength.wt           1.0 
# 
_diffrn_source.diffrn_id                   1 
_diffrn_source.source                      SYNCHROTRON 
_diffrn_source.type                        'CHESS BEAMLINE A1' 
_diffrn_source.pdbx_synchrotron_site       CHESS 
_diffrn_source.pdbx_synchrotron_beamline   A1 
_diffrn_source.pdbx_wavelength             0.918 
_diffrn_source.pdbx_wavelength_list        ? 
# 
_reflns.pdbx_diffrn_id               1 
_reflns.pdbx_ordinal                 1 
_reflns.entry_id                     1QD8 
_reflns.observed_criterion_sigma_I   2.000 
_reflns.observed_criterion_sigma_F   ? 
_reflns.d_resolution_low             20.000 
_reflns.d_resolution_high            1.000 
_reflns.number_obs                   14172 
_reflns.number_all                   ? 
_reflns.percent_possible_obs         93.0 
_reflns.pdbx_Rmerge_I_obs            0.04200 
_reflns.pdbx_Rsym_value              ? 
_reflns.pdbx_netI_over_sigmaI        46.4000 
_reflns.B_iso_Wilson_estimate        ? 
_reflns.pdbx_redundancy              23.400 
# 
_reflns_shell.pdbx_diffrn_id         1 
_reflns_shell.pdbx_ordinal           1 
_reflns_shell.d_res_high             1.00 
_reflns_shell.d_res_low              1.04 
_reflns_shell.percent_possible_all   62.0 
_reflns_shell.Rmerge_I_obs           0.06500 
_reflns_shell.pdbx_Rsym_value        ? 
_reflns_shell.meanI_over_sigI_obs    ? 
_reflns_shell.pdbx_redundancy        2098.00 
# 
_refine.pdbx_refine_id                           'X-RAY DIFFRACTION' 
_refine.entry_id                                 1QD8 
_refine.pdbx_diffrn_id                           1 
_refine.pdbx_TLS_residual_ADP_flag               ? 
_refine.ls_number_reflns_obs                     ? 
_refine.ls_number_reflns_all                     14823 
_refine.pdbx_ls_sigma_I                          ? 
_refine.pdbx_ls_sigma_F                          ? 
_refine.pdbx_data_cutoff_high_absF               ? 
_refine.pdbx_data_cutoff_low_absF                ? 
_refine.pdbx_data_cutoff_high_rms_absF           ? 
_refine.ls_d_res_low                             20.00 
_refine.ls_d_res_high                            1.00 
_refine.ls_percent_reflns_obs                    95.6 
_refine.ls_R_factor_obs                          0.110 
_refine.ls_R_factor_all                          ? 
_refine.ls_R_factor_R_work                       ? 
_refine.ls_R_factor_R_free                       0.131 
_refine.ls_R_factor_R_free_error                 ? 
_refine.ls_R_factor_R_free_error_details         ? 
_refine.ls_percent_reflns_R_free                 ? 
_refine.ls_number_reflns_R_free                  975 
_refine.ls_number_parameters                     ? 
_refine.ls_number_restraints                     ? 
_refine.occupancy_min                            ? 
_refine.occupancy_max                            ? 
_refine.correlation_coeff_Fo_to_Fc               ? 
_refine.correlation_coeff_Fo_to_Fc_free          ? 
_refine.B_iso_mean                               ? 
_refine.aniso_B[1][1]                            ? 
_refine.aniso_B[2][2]                            ? 
_refine.aniso_B[3][3]                            ? 
_refine.aniso_B[1][2]                            ? 
_refine.aniso_B[1][3]                            ? 
_refine.aniso_B[2][3]                            ? 
_refine.solvent_model_details                    ? 
_refine.solvent_model_param_ksol                 ? 
_refine.solvent_model_param_bsol                 ? 
_refine.pdbx_solvent_vdw_probe_radii             ? 
_refine.pdbx_solvent_ion_probe_radii             ? 
_refine.pdbx_solvent_shrinkage_radii             ? 
_refine.pdbx_ls_cross_valid_method               THROUGHOUT 
_refine.details                                  
;REFINEMENT WAS CARRIED OUT AGAINST F -SQUARED USING SHELXL-93. MOLECULAR GEOMETRY AND ATOMIC DISPLACEMENT PARAMETERS WERE RESTRAINED THROUGHOUT. INDEPENDENT VANCOMYCIN MONOMERS WERE RESTRAINED TO HAVE SIMILAR 1-2 AND 1-3 DISTANCES; RESTRAINTS WERE ALSO IMPOSED TO LIMIT DEVIATIONS FROM PLANARITY IN RINGS AND SP2 SYSTEMS. ALONG-BOND COMPONENTS OF ANISOTROPIC DISPLACEMENT PARAMETERS WERE SUBJECTED TO RESTRAINTS. SOLVENT WATER ATOMS WERE RESTRAINED TO BE APPROXIMATELY ISOTROPIC AND WERE MADE SUBJECT TO ANTI-BUMPING RESTRAINTS. CONJUGATE GRADIENT REFINEMENT WAS USED THROUGHOUT, EXCEPT AT THE LAST STAGES, WHEN BLOCKED LEAST SQUARES WAS USED.
;
_refine.pdbx_starting_model                      ? 
_refine.pdbx_method_to_determine_struct          ? 
_refine.pdbx_isotropic_thermal_model             ? 
_refine.pdbx_stereochemistry_target_values       'ENGH & HUBER' 
_refine.pdbx_stereochem_target_val_spec_case     ? 
_refine.pdbx_R_Free_selection_details            RANDOM 
_refine.pdbx_overall_ESU_R                       ? 
_refine.pdbx_overall_ESU_R_Free                  ? 
_refine.overall_SU_ML                            ? 
_refine.pdbx_overall_phase_error                 ? 
_refine.overall_SU_B                             ? 
_refine.overall_SU_R_Cruickshank_DPI             ? 
_refine.pdbx_overall_SU_R_free_Cruickshank_DPI   ? 
_refine.pdbx_overall_SU_R_Blow_DPI               ? 
_refine.pdbx_overall_SU_R_free_Blow_DPI          ? 
# 
_refine_hist.pdbx_refine_id                   'X-RAY DIFFRACTION' 
_refine_hist.cycle_id                         LAST 
_refine_hist.pdbx_number_atoms_protein        160 
_refine_hist.pdbx_number_atoms_nucleic_acid   0 
_refine_hist.pdbx_number_atoms_ligand         53 
_refine_hist.number_atoms_solvent             40 
_refine_hist.number_atoms_total               253 
_refine_hist.d_res_high                       1.00 
_refine_hist.d_res_low                        20.00 
# 
loop_
_refine_ls_restr.type 
_refine_ls_restr.dev_ideal 
_refine_ls_restr.dev_ideal_target 
_refine_ls_restr.weight 
_refine_ls_restr.number 
_refine_ls_restr.pdbx_refine_id 
_refine_ls_restr.pdbx_restraint_function 
s_bond_d               0.017 ? ? ? 'X-RAY DIFFRACTION' ? 
s_angle_d              ?     ? ? ? 'X-RAY DIFFRACTION' ? 
s_similar_dist         ?     ? ? ? 'X-RAY DIFFRACTION' ? 
s_from_restr_planes    ?     ? ? ? 'X-RAY DIFFRACTION' ? 
s_zero_chiral_vol      ?     ? ? ? 'X-RAY DIFFRACTION' ? 
s_non_zero_chiral_vol  ?     ? ? ? 'X-RAY DIFFRACTION' ? 
s_anti_bump_dis_restr  ?     ? ? ? 'X-RAY DIFFRACTION' ? 
s_rigid_bond_adp_cmpnt ?     ? ? ? 'X-RAY DIFFRACTION' ? 
s_similar_adp_cmpnt    ?     ? ? ? 'X-RAY DIFFRACTION' ? 
s_approx_iso_adps      ?     ? ? ? 'X-RAY DIFFRACTION' ? 
# 
_pdbx_refine.pdbx_refine_id                              'X-RAY DIFFRACTION' 
_pdbx_refine.entry_id                                    1QD8 
_pdbx_refine.R_factor_all_no_cutoff                      ? 
_pdbx_refine.R_factor_obs_no_cutoff                      0.110 
_pdbx_refine.free_R_factor_no_cutoff                     0.131 
_pdbx_refine.free_R_error_no_cutoff                      ? 
_pdbx_refine.free_R_val_test_set_size_perc_no_cutoff     ? 
_pdbx_refine.free_R_val_test_set_ct_no_cutoff            975 
_pdbx_refine.R_factor_all_4sig_cutoff                    ? 
_pdbx_refine.R_factor_obs_4sig_cutoff                    ? 
_pdbx_refine.free_R_factor_4sig_cutoff                   ? 
_pdbx_refine.free_R_val_test_set_size_perc_4sig_cutoff   ? 
_pdbx_refine.free_R_val_test_set_ct_4sig_cutoff          ? 
_pdbx_refine.number_reflns_obs_4sig_cutoff               ? 
# 
_struct.entry_id                  1QD8 
_struct.title                     'COMPLEX OF VANCOMYCIN WITH N-ACETYL GLYCINE' 
_struct.pdbx_model_details        ? 
_struct.pdbx_CASP_flag            ? 
_struct.pdbx_model_type_details   ? 
# 
_struct_keywords.entry_id        1QD8 
_struct_keywords.pdbx_keywords   ANTIBIOTIC 
_struct_keywords.text            'GLYCOPEPTIDE, ANTIBIOTIC' 
# 
loop_
_struct_asym.id 
_struct_asym.pdbx_blank_PDB_chainid_flag 
_struct_asym.pdbx_modified 
_struct_asym.entity_id 
_struct_asym.details 
A N N 1 ? 
B N N 1 ? 
C N N 2 ? 
D N N 2 ? 
E N N 3 ? 
F N N 3 ? 
G N N 4 ? 
H N N 3 ? 
I N N 5 ? 
# 
_struct_ref.id                         1 
_struct_ref.db_name                    NOR 
_struct_ref.db_code                    NOR00681 
_struct_ref.entity_id                  1 
_struct_ref.pdbx_seq_one_letter_code   ? 
_struct_ref.pdbx_align_begin           ? 
_struct_ref.pdbx_db_accession          NOR00681 
_struct_ref.pdbx_db_isoform            ? 
# 
loop_
_struct_ref_seq.align_id 
_struct_ref_seq.ref_id 
_struct_ref_seq.pdbx_PDB_id_code 
_struct_ref_seq.pdbx_strand_id 
_struct_ref_seq.seq_align_beg 
_struct_ref_seq.pdbx_seq_align_beg_ins_code 
_struct_ref_seq.seq_align_end 
_struct_ref_seq.pdbx_seq_align_end_ins_code 
_struct_ref_seq.pdbx_db_accession 
_struct_ref_seq.db_align_beg 
_struct_ref_seq.pdbx_db_align_beg_ins_code 
_struct_ref_seq.db_align_end 
_struct_ref_seq.pdbx_db_align_end_ins_code 
_struct_ref_seq.pdbx_auth_seq_align_beg 
_struct_ref_seq.pdbx_auth_seq_align_end 
1 1 1QD8 A 1 ? 7 ? NOR00681 1 ? 7 ? 1 7 
2 1 1QD8 B 1 ? 7 ? NOR00681 1 ? 7 ? 1 7 
# 
loop_
_pdbx_struct_assembly.id 
_pdbx_struct_assembly.details 
_pdbx_struct_assembly.method_details 
_pdbx_struct_assembly.oligomeric_details 
_pdbx_struct_assembly.oligomeric_count 
1 software_defined_assembly PISA dimeric 2 
2 software_defined_assembly PISA dimeric 2 
# 
loop_
_pdbx_struct_assembly_prop.biol_id 
_pdbx_struct_assembly_prop.type 
_pdbx_struct_assembly_prop.value 
_pdbx_struct_assembly_prop.details 
1 'ABSA (A^2)' 1670  ? 
1 MORE         -24.2 ? 
1 'SSA (A^2)'  2590  ? 
2 'ABSA (A^2)' 1940  ? 
2 MORE         -29.2 ? 
2 'SSA (A^2)'  2160  ? 
# 
loop_
_pdbx_struct_assembly_gen.assembly_id 
_pdbx_struct_assembly_gen.oper_expression 
_pdbx_struct_assembly_gen.asym_id_list 
1 1   A,C,E,F,I 
1 2   B,D,G,H   
2 1,3 A,C,E,F,I 
# 
loop_
_pdbx_struct_oper_list.id 
_pdbx_struct_oper_list.type 
_pdbx_struct_oper_list.name 
_pdbx_struct_oper_list.symmetry_operation 
_pdbx_struct_oper_list.matrix[1][1] 
_pdbx_struct_oper_list.matrix[1][2] 
_pdbx_struct_oper_list.matrix[1][3] 
_pdbx_struct_oper_list.vector[1] 
_pdbx_struct_oper_list.matrix[2][1] 
_pdbx_struct_oper_list.matrix[2][2] 
_pdbx_struct_oper_list.matrix[2][3] 
_pdbx_struct_oper_list.vector[2] 
_pdbx_struct_oper_list.matrix[3][1] 
_pdbx_struct_oper_list.matrix[3][2] 
_pdbx_struct_oper_list.matrix[3][3] 
_pdbx_struct_oper_list.vector[3] 
1 'identity operation'         1_555 x,y,z              1.0000000000  0.0000000000  0.0000000000  0.0000000000 0.0000000000  1.0000000000 0.0000000000  0.0000000000  0.0000000000  0.0000000000  1.0000000000  0.0000000000   
2 'crystal symmetry operation' 3_554 -y+1/2,x+1/2,z-1/4 0.3141079161  -0.7744068446 -0.5492087546 4.0636028197 0.8726614021  0.0076836316 0.4882653368  10.4734894715 -0.3738961010 -0.6326412893 0.6782084523  -16.3890873966 
3 'crystal symmetry operation' 7_555 y,x,-z             -0.2680465458 -0.8741014588 0.4050897296  7.6235018807 -0.8741014588 0.0438551193 -0.4837596182 8.1711857954  0.4050897296  -0.4837596182 -0.7758085735 3.8569155789   
# 
_struct_biol.id   1 
# 
loop_
_struct_conn.id 
_struct_conn.conn_type_id 
_struct_conn.pdbx_leaving_atom_flag 
_struct_conn.pdbx_PDB_id 
_struct_conn.ptnr1_label_asym_id 
_struct_conn.ptnr1_label_comp_id 
_struct_conn.ptnr1_label_seq_id 
_struct_conn.ptnr1_label_atom_id 
_struct_conn.pdbx_ptnr1_label_alt_id 
_struct_conn.pdbx_ptnr1_PDB_ins_code 
_struct_conn.pdbx_ptnr1_standard_comp_id 
_struct_conn.ptnr1_symmetry 
_struct_conn.ptnr2_label_asym_id 
_struct_conn.ptnr2_label_comp_id 
_struct_conn.ptnr2_label_seq_id 
_struct_conn.ptnr2_label_atom_id 
_struct_conn.pdbx_ptnr2_label_alt_id 
_struct_conn.pdbx_ptnr2_PDB_ins_code 
_struct_conn.ptnr1_auth_asym_id 
_struct_conn.ptnr1_auth_comp_id 
_struct_conn.ptnr1_auth_seq_id 
_struct_conn.ptnr2_auth_asym_id 
_struct_conn.ptnr2_auth_comp_id 
_struct_conn.ptnr2_auth_seq_id 
_struct_conn.ptnr2_symmetry 
_struct_conn.pdbx_ptnr3_label_atom_id 
_struct_conn.pdbx_ptnr3_label_seq_id 
_struct_conn.pdbx_ptnr3_label_comp_id 
_struct_conn.pdbx_ptnr3_label_asym_id 
_struct_conn.pdbx_ptnr3_label_alt_id 
_struct_conn.pdbx_ptnr3_PDB_ins_code 
_struct_conn.details 
_struct_conn.pdbx_dist_value 
_struct_conn.pdbx_value_order 
_struct_conn.pdbx_role 
covale1  covale both ? A MLU 1 C  ? ? ? 1_555 A OMZ 2 N   ? ? A MLU 1 A OMZ 2 1_555 ? ? ? ? ? ? ? 1.368 ? ? 
covale2  covale both ? A OMZ 2 C  ? ? ? 1_555 A ASN 3 N   ? ? A OMZ 2 A ASN 3 1_555 ? ? ? ? ? ? ? 1.353 ? ? 
covale3  covale none ? A OMZ 2 OH ? ? ? 1_555 A GHP 4 C5  ? ? A OMZ 2 A GHP 4 1_555 ? ? ? ? ? ? ? 1.413 ? ? 
covale4  covale both ? A ASN 3 C  ? ? ? 1_555 A GHP 4 N   ? ? A ASN 3 A GHP 4 1_555 ? ? ? ? ? ? ? 1.353 ? ? 
covale5  covale both ? A GHP 4 C  ? ? ? 1_555 A GHP 5 N   ? ? A GHP 4 A GHP 5 1_555 ? ? ? ? ? ? ? 1.357 ? ? 
covale6  covale none ? A GHP 4 C3 ? ? ? 1_555 A OMY 6 OCZ ? ? A GHP 4 A OMY 6 1_555 ? ? ? ? ? ? ? 1.417 ? ? 
covale7  covale one  ? A GHP 4 O4 ? ? ? 1_555 C BGC . C1  ? ? A GHP 4 C BGC 1 1_555 ? ? ? ? ? ? ? 1.447 ? ? 
covale8  covale both ? A GHP 5 C  ? ? ? 1_555 A OMY 6 N   ? ? A GHP 5 A OMY 6 1_555 ? ? ? ? ? ? ? 1.351 ? ? 
covale9  covale one  ? A GHP 5 C3 ? ? ? 1_555 A 3FG 7 CG1 ? ? A GHP 5 A 3FG 7 1_555 ? ? ? ? ? ? ? 1.498 ? ? 
covale10 covale both ? A OMY 6 C  ? ? ? 1_555 A 3FG 7 N   ? ? A OMY 6 A 3FG 7 1_555 ? ? ? ? ? ? ? 1.366 ? ? 
covale11 covale both ? B MLU 1 C  ? ? ? 1_555 B OMZ 2 N   ? ? B MLU 1 B OMZ 2 1_555 ? ? ? ? ? ? ? 1.347 ? ? 
covale12 covale both ? B OMZ 2 C  ? ? ? 1_555 B ASN 3 N   ? ? B OMZ 2 B ASN 3 1_555 ? ? ? ? ? ? ? 1.341 ? ? 
covale13 covale none ? B OMZ 2 OH ? ? ? 1_555 B GHP 4 C5  ? ? B OMZ 2 B GHP 4 1_555 ? ? ? ? ? ? ? 1.424 ? ? 
covale14 covale both ? B ASN 3 C  ? ? ? 1_555 B GHP 4 N   ? ? B ASN 3 B GHP 4 1_555 ? ? ? ? ? ? ? 1.357 ? ? 
covale15 covale both ? B GHP 4 C  ? ? ? 1_555 B GHP 5 N   ? ? B GHP 4 B GHP 5 1_555 ? ? ? ? ? ? ? 1.350 ? ? 
covale16 covale none ? B GHP 4 C3 ? ? ? 1_555 B OMY 6 OCZ ? ? B GHP 4 B OMY 6 1_555 ? ? ? ? ? ? ? 1.408 ? ? 
covale17 covale one  ? B GHP 4 O4 B ? ? 1_555 D BGC . C1  B ? B GHP 4 D BGC 1 1_555 ? ? ? ? ? ? ? 1.448 ? ? 
covale18 covale one  ? B GHP 4 O4 A ? ? 1_555 D BGC . C1  A ? B GHP 4 D BGC 1 1_555 ? ? ? ? ? ? ? 1.444 ? ? 
covale19 covale both ? B GHP 5 C  ? ? ? 1_555 B OMY 6 N   ? ? B GHP 5 B OMY 6 1_555 ? ? ? ? ? ? ? 1.361 ? ? 
covale20 covale one  ? B GHP 5 C3 ? ? ? 1_555 B 3FG 7 CG1 ? ? B GHP 5 B 3FG 7 1_555 ? ? ? ? ? ? ? 1.484 ? ? 
covale21 covale both ? B OMY 6 C  ? ? ? 1_555 B 3FG 7 N   ? ? B OMY 6 B 3FG 7 1_555 ? ? ? ? ? ? ? 1.345 ? ? 
covale22 covale both ? C BGC . O2 ? ? ? 1_555 C RER . C1  ? ? C BGC 1 C RER 2 1_555 ? ? ? ? ? ? ? 1.452 ? ? 
covale23 covale both ? D BGC . O2 B ? ? 1_555 D RER . C1  ? ? D BGC 1 D RER 2 1_555 ? ? ? ? ? ? ? 1.165 ? ? 
covale24 covale both ? D BGC . O2 A ? ? 1_555 D RER . C1  ? ? D BGC 1 D RER 2 1_555 ? ? ? ? ? ? ? 1.495 ? ? 
# 
_struct_conn_type.id          covale 
_struct_conn_type.criteria    ? 
_struct_conn_type.reference   ? 
# 
loop_
_struct_mon_prot_cis.pdbx_id 
_struct_mon_prot_cis.label_comp_id 
_struct_mon_prot_cis.label_seq_id 
_struct_mon_prot_cis.label_asym_id 
_struct_mon_prot_cis.label_alt_id 
_struct_mon_prot_cis.pdbx_PDB_ins_code 
_struct_mon_prot_cis.auth_comp_id 
_struct_mon_prot_cis.auth_seq_id 
_struct_mon_prot_cis.auth_asym_id 
_struct_mon_prot_cis.pdbx_label_comp_id_2 
_struct_mon_prot_cis.pdbx_label_seq_id_2 
_struct_mon_prot_cis.pdbx_label_asym_id_2 
_struct_mon_prot_cis.pdbx_PDB_ins_code_2 
_struct_mon_prot_cis.pdbx_auth_comp_id_2 
_struct_mon_prot_cis.pdbx_auth_seq_id_2 
_struct_mon_prot_cis.pdbx_auth_asym_id_2 
_struct_mon_prot_cis.pdbx_PDB_model_num 
_struct_mon_prot_cis.pdbx_omega_angle 
1 GHP 5 A . ? GHP 5 A OMY 6 A ? OMY 6 A 1 6.84  
2 GHP 5 B . ? GHP 5 B OMY 6 B ? OMY 6 B 1 19.89 
# 
loop_
_pdbx_validate_close_contact.id 
_pdbx_validate_close_contact.PDB_model_num 
_pdbx_validate_close_contact.auth_atom_id_1 
_pdbx_validate_close_contact.auth_asym_id_1 
_pdbx_validate_close_contact.auth_comp_id_1 
_pdbx_validate_close_contact.auth_seq_id_1 
_pdbx_validate_close_contact.PDB_ins_code_1 
_pdbx_validate_close_contact.label_alt_id_1 
_pdbx_validate_close_contact.auth_atom_id_2 
_pdbx_validate_close_contact.auth_asym_id_2 
_pdbx_validate_close_contact.auth_comp_id_2 
_pdbx_validate_close_contact.auth_seq_id_2 
_pdbx_validate_close_contact.PDB_ins_code_2 
_pdbx_validate_close_contact.label_alt_id_2 
_pdbx_validate_close_contact.dist 
1 1 O2 D BGC 1 ? B O5 D RER 2 ? ? 2.09 
2 1 C2 D BGC 1 ? B C1 D RER 2 ? ? 2.19 
# 
_pdbx_validate_torsion.id              1 
_pdbx_validate_torsion.PDB_model_num   1 
_pdbx_validate_torsion.auth_comp_id    ASN 
_pdbx_validate_torsion.auth_asym_id    A 
_pdbx_validate_torsion.auth_seq_id     3 
_pdbx_validate_torsion.PDB_ins_code    ? 
_pdbx_validate_torsion.label_alt_id    ? 
_pdbx_validate_torsion.phi             -101.06 
_pdbx_validate_torsion.psi             -69.02 
# 
_pdbx_validate_chiral.id              1 
_pdbx_validate_chiral.PDB_model_num   1 
_pdbx_validate_chiral.auth_atom_id    C5 
_pdbx_validate_chiral.label_alt_id    B 
_pdbx_validate_chiral.auth_asym_id    D 
_pdbx_validate_chiral.auth_comp_id    BGC 
_pdbx_validate_chiral.auth_seq_id     1 
_pdbx_validate_chiral.PDB_ins_code    ? 
_pdbx_validate_chiral.details         'WRONG HAND' 
_pdbx_validate_chiral.omega           . 
# 
_pdbx_molecule_features.prd_id    PRD_000204 
_pdbx_molecule_features.name      VANCOMYCIN 
_pdbx_molecule_features.type      Glycopeptide 
_pdbx_molecule_features.class     Antibiotic 
_pdbx_molecule_features.details   
;VANCOMYCIN IS A TRICYCLIC GLYCOPEPTIDE,
 GLYCOSYLATED BY A DISACCHARIDE (RESIDUES 8
 AND 9) ON RESIDUE 4.
;
# 
loop_
_pdbx_molecule.instance_id 
_pdbx_molecule.prd_id 
_pdbx_molecule.asym_id 
1 PRD_000204 A 
1 PRD_000204 C 
2 PRD_000204 B 
2 PRD_000204 D 
# 
_pdbx_struct_special_symmetry.id              1 
_pdbx_struct_special_symmetry.PDB_model_num   1 
_pdbx_struct_special_symmetry.auth_asym_id    A 
_pdbx_struct_special_symmetry.auth_comp_id    HOH 
_pdbx_struct_special_symmetry.auth_seq_id     110 
_pdbx_struct_special_symmetry.PDB_ins_code    ? 
_pdbx_struct_special_symmetry.label_asym_id   I 
_pdbx_struct_special_symmetry.label_comp_id   HOH 
_pdbx_struct_special_symmetry.label_seq_id    . 
# 
_pdbx_entry_details.entry_id                 1QD8 
_pdbx_entry_details.compound_details         
;VANCOMYCIN IS A TRICYCLIC GLYCOPEPTIDE. THE SCAFFOLD IS
 A HEPTAPEPTIDE WITH THE CONFIGURATION D-D-L-D-D-L-L. IT IS
 FURTHER GLYCOSYLATED BY A DISACCHARIDE MADE OF D-GLUCOSE
 AND VANCOSAMINE.
 HERE, VANCOMYCIN IS REPRESENTED BY GROUPING TOUGHER THE
 SEQUENCE (SEQRES) AND THE TWO LIGANDS (HET) BGC AND RER.
;
_pdbx_entry_details.source_details           ? 
_pdbx_entry_details.nonpolymer_details       ? 
_pdbx_entry_details.sequence_details         ? 
_pdbx_entry_details.has_ligand_of_interest   ? 
# 
loop_
_chem_comp_atom.comp_id 
_chem_comp_atom.atom_id 
_chem_comp_atom.type_symbol 
_chem_comp_atom.pdbx_aromatic_flag 
_chem_comp_atom.pdbx_stereo_config 
_chem_comp_atom.pdbx_ordinal 
3FG N    N  N N 1   
3FG OD1  O  N N 2   
3FG CD1  C  Y N 3   
3FG CG1  C  Y N 4   
3FG CZ   C  Y N 5   
3FG CD2  C  Y N 6   
3FG OD2  O  N N 7   
3FG CG2  C  Y N 8   
3FG CB   C  Y N 9   
3FG CA   C  N S 10  
3FG C    C  N N 11  
3FG O    O  N N 12  
3FG OXT  O  N N 13  
3FG H    H  N N 14  
3FG H2   H  N N 15  
3FG HA   H  N N 16  
3FG HD1  H  N N 17  
3FG HG1  H  N N 18  
3FG HZ   H  N N 19  
3FG HD2  H  N N 20  
3FG HG2  H  N N 21  
3FG HXT  H  N N 22  
AAC C1   C  N N 23  
AAC C2   C  N N 24  
AAC C3   C  N N 25  
AAC C4   C  N N 26  
AAC N1   N  N N 27  
AAC O1   O  N N 28  
AAC O2   O  N N 29  
AAC O3   O  N N 30  
AAC HC21 H  N N 31  
AAC HC22 H  N N 32  
AAC HC41 H  N N 33  
AAC HC42 H  N N 34  
AAC HC43 H  N N 35  
AAC HN1  H  N N 36  
AAC HO1  H  N N 37  
ASN N    N  N N 38  
ASN CA   C  N S 39  
ASN C    C  N N 40  
ASN O    O  N N 41  
ASN CB   C  N N 42  
ASN CG   C  N N 43  
ASN OD1  O  N N 44  
ASN ND2  N  N N 45  
ASN OXT  O  N N 46  
ASN H    H  N N 47  
ASN H2   H  N N 48  
ASN HA   H  N N 49  
ASN HB2  H  N N 50  
ASN HB3  H  N N 51  
ASN HD21 H  N N 52  
ASN HD22 H  N N 53  
ASN HXT  H  N N 54  
BGC C2   C  N R 55  
BGC C3   C  N S 56  
BGC C4   C  N S 57  
BGC C5   C  N R 58  
BGC C6   C  N N 59  
BGC C1   C  N R 60  
BGC O1   O  N N 61  
BGC O2   O  N N 62  
BGC O3   O  N N 63  
BGC O4   O  N N 64  
BGC O5   O  N N 65  
BGC O6   O  N N 66  
BGC H2   H  N N 67  
BGC H3   H  N N 68  
BGC H4   H  N N 69  
BGC H5   H  N N 70  
BGC H61  H  N N 71  
BGC H62  H  N N 72  
BGC H1   H  N N 73  
BGC HO1  H  N N 74  
BGC HO2  H  N N 75  
BGC HO3  H  N N 76  
BGC HO4  H  N N 77  
BGC HO6  H  N N 78  
CL  CL   CL N N 79  
GHP N    N  N N 80  
GHP CA   C  N R 81  
GHP C    C  N N 82  
GHP O    O  N N 83  
GHP OXT  O  N N 84  
GHP C1   C  Y N 85  
GHP C2   C  Y N 86  
GHP C3   C  Y N 87  
GHP C4   C  Y N 88  
GHP O4   O  N N 89  
GHP C5   C  Y N 90  
GHP C6   C  Y N 91  
GHP H    H  N N 92  
GHP H2   H  N N 93  
GHP HA   H  N N 94  
GHP HXT  H  N N 95  
GHP HC2  H  N N 96  
GHP H3   H  N N 97  
GHP HO4  H  N N 98  
GHP H5   H  N N 99  
GHP H6   H  N N 100 
HOH O    O  N N 101 
HOH H1   H  N N 102 
HOH H2   H  N N 103 
MLU N    N  N N 104 
MLU CN   C  N N 105 
MLU CA   C  N R 106 
MLU C    C  N N 107 
MLU O    O  N N 108 
MLU CB   C  N N 109 
MLU CG   C  N N 110 
MLU CD1  C  N N 111 
MLU CD2  C  N N 112 
MLU OXT  O  N N 113 
MLU H    H  N N 114 
MLU HCN1 H  N N 115 
MLU HCN2 H  N N 116 
MLU HCN3 H  N N 117 
MLU HA   H  N N 118 
MLU HB2  H  N N 119 
MLU HB3  H  N N 120 
MLU HXT  H  N N 121 
MLU HG   H  N N 122 
MLU HD11 H  N N 123 
MLU HD12 H  N N 124 
MLU HD13 H  N N 125 
MLU HD21 H  N N 126 
MLU HD22 H  N N 127 
MLU HD23 H  N N 128 
OMY N    N  N N 129 
OMY CA   C  N S 130 
OMY OCZ  O  N N 131 
OMY CE2  C  Y N 132 
OMY CE1  C  Y N 133 
OMY CZ   C  Y N 134 
OMY CG   C  Y N 135 
OMY CD2  C  Y N 136 
OMY CD1  C  Y N 137 
OMY CB   C  N R 138 
OMY CL   CL N N 139 
OMY O    O  N N 140 
OMY C    C  N N 141 
OMY ODE  O  N N 142 
OMY OXT  O  N N 143 
OMY H    H  N N 144 
OMY H2   H  N N 145 
OMY HA   H  N N 146 
OMY HCZ  H  N N 147 
OMY HE2  H  N N 148 
OMY HD2  H  N N 149 
OMY HD1  H  N N 150 
OMY HB   H  N N 151 
OMY HXT  H  N N 152 
OMY HDE  H  N N 153 
OMZ N    N  N N 154 
OMZ CA   C  N R 155 
OMZ C    C  N N 156 
OMZ O    O  N N 157 
OMZ OXT  O  N N 158 
OMZ CB   C  N R 159 
OMZ OC   O  N N 160 
OMZ CG   C  Y N 161 
OMZ CD1  C  Y N 162 
OMZ CD2  C  Y N 163 
OMZ CE1  C  Y N 164 
OMZ CL   CL N N 165 
OMZ CE2  C  Y N 166 
OMZ CZ   C  Y N 167 
OMZ OH   O  N N 168 
OMZ H    H  N N 169 
OMZ H2   H  N N 170 
OMZ HA   H  N N 171 
OMZ HB   H  N N 172 
OMZ HXT  H  N N 173 
OMZ HC   H  N N 174 
OMZ HD1  H  N N 175 
OMZ HD2  H  N N 176 
OMZ HE2  H  N N 177 
OMZ HH   H  N N 178 
RER C1   C  N R 179 
RER C2   C  N N 180 
RER C3   C  N S 181 
RER N3   N  N N 182 
RER C3A  C  N N 183 
RER C4   C  N S 184 
RER O4   O  N N 185 
RER C5   C  N S 186 
RER O5   O  N N 187 
RER C5A  C  N N 188 
RER O1   O  N N 189 
RER H1   H  N N 190 
RER H21C H  N N 191 
RER H22C H  N N 192 
RER HO1  H  N N 193 
RER H31N H  N N 194 
RER H32N H  N N 195 
RER H3A1 H  N N 196 
RER H3A2 H  N N 197 
RER H3A3 H  N N 198 
RER H4   H  N N 199 
RER HO4  H  N N 200 
RER H5   H  N N 201 
RER H5A1 H  N N 202 
RER H5A2 H  N N 203 
RER H5A3 H  N N 204 
# 
loop_
_chem_comp_bond.comp_id 
_chem_comp_bond.atom_id_1 
_chem_comp_bond.atom_id_2 
_chem_comp_bond.value_order 
_chem_comp_bond.pdbx_aromatic_flag 
_chem_comp_bond.pdbx_stereo_config 
_chem_comp_bond.pdbx_ordinal 
3FG N   CA   sing N N 1   
3FG OD1 CD1  sing N N 2   
3FG CD1 CG1  sing Y N 3   
3FG CD1 CZ   doub Y N 4   
3FG CG1 CB   doub Y N 5   
3FG CZ  CD2  sing Y N 6   
3FG CD2 OD2  sing N N 7   
3FG CD2 CG2  doub Y N 8   
3FG CG2 CB   sing Y N 9   
3FG CB  CA   sing N N 10  
3FG CA  C    sing N N 11  
3FG C   O    doub N N 12  
3FG C   OXT  sing N N 13  
3FG N   H    sing N N 14  
3FG N   H2   sing N N 15  
3FG CA  HA   sing N N 16  
3FG OD1 HD1  sing N N 17  
3FG CG1 HG1  sing N N 18  
3FG CZ  HZ   sing N N 19  
3FG OD2 HD2  sing N N 20  
3FG CG2 HG2  sing N N 21  
3FG OXT HXT  sing N N 22  
AAC C1  C2   sing N N 23  
AAC C1  O1   sing N N 24  
AAC C1  O2   doub N N 25  
AAC C2  N1   sing N N 26  
AAC C2  HC21 sing N N 27  
AAC C2  HC22 sing N N 28  
AAC C3  C4   sing N N 29  
AAC C3  N1   sing N N 30  
AAC C3  O3   doub N N 31  
AAC C4  HC41 sing N N 32  
AAC C4  HC42 sing N N 33  
AAC C4  HC43 sing N N 34  
AAC N1  HN1  sing N N 35  
AAC O1  HO1  sing N N 36  
ASN N   CA   sing N N 37  
ASN N   H    sing N N 38  
ASN N   H2   sing N N 39  
ASN CA  C    sing N N 40  
ASN CA  CB   sing N N 41  
ASN CA  HA   sing N N 42  
ASN C   O    doub N N 43  
ASN C   OXT  sing N N 44  
ASN CB  CG   sing N N 45  
ASN CB  HB2  sing N N 46  
ASN CB  HB3  sing N N 47  
ASN CG  OD1  doub N N 48  
ASN CG  ND2  sing N N 49  
ASN ND2 HD21 sing N N 50  
ASN ND2 HD22 sing N N 51  
ASN OXT HXT  sing N N 52  
BGC C2  C3   sing N N 53  
BGC C2  C1   sing N N 54  
BGC C2  O2   sing N N 55  
BGC C2  H2   sing N N 56  
BGC C3  C4   sing N N 57  
BGC C3  O3   sing N N 58  
BGC C3  H3   sing N N 59  
BGC C4  C5   sing N N 60  
BGC C4  O4   sing N N 61  
BGC C4  H4   sing N N 62  
BGC C5  C6   sing N N 63  
BGC C5  O5   sing N N 64  
BGC C5  H5   sing N N 65  
BGC C6  O6   sing N N 66  
BGC C6  H61  sing N N 67  
BGC C6  H62  sing N N 68  
BGC C1  O1   sing N N 69  
BGC C1  O5   sing N N 70  
BGC C1  H1   sing N N 71  
BGC O1  HO1  sing N N 72  
BGC O2  HO2  sing N N 73  
BGC O3  HO3  sing N N 74  
BGC O4  HO4  sing N N 75  
BGC O6  HO6  sing N N 76  
GHP N   CA   sing N N 77  
GHP N   H    sing N N 78  
GHP N   H2   sing N N 79  
GHP CA  C    sing N N 80  
GHP CA  C1   sing N N 81  
GHP CA  HA   sing N N 82  
GHP C   O    doub N N 83  
GHP C   OXT  sing N N 84  
GHP OXT HXT  sing N N 85  
GHP C1  C2   doub Y N 86  
GHP C1  C6   sing Y N 87  
GHP C2  C3   sing Y N 88  
GHP C2  HC2  sing N N 89  
GHP C3  C4   doub Y N 90  
GHP C3  H3   sing N N 91  
GHP C4  O4   sing N N 92  
GHP C4  C5   sing Y N 93  
GHP O4  HO4  sing N N 94  
GHP C5  C6   doub Y N 95  
GHP C5  H5   sing N N 96  
GHP C6  H6   sing N N 97  
HOH O   H1   sing N N 98  
HOH O   H2   sing N N 99  
MLU N   CN   sing N N 100 
MLU N   CA   sing N N 101 
MLU CA  C    sing N N 102 
MLU CA  CB   sing N N 103 
MLU C   O    doub N N 104 
MLU C   OXT  sing N N 105 
MLU CB  CG   sing N N 106 
MLU CG  CD1  sing N N 107 
MLU CG  CD2  sing N N 108 
MLU N   H    sing N N 109 
MLU CN  HCN1 sing N N 110 
MLU CN  HCN2 sing N N 111 
MLU CN  HCN3 sing N N 112 
MLU CA  HA   sing N N 113 
MLU CB  HB2  sing N N 114 
MLU CB  HB3  sing N N 115 
MLU OXT HXT  sing N N 116 
MLU CG  HG   sing N N 117 
MLU CD1 HD11 sing N N 118 
MLU CD1 HD12 sing N N 119 
MLU CD1 HD13 sing N N 120 
MLU CD2 HD21 sing N N 121 
MLU CD2 HD22 sing N N 122 
MLU CD2 HD23 sing N N 123 
OMY N   CA   sing N N 124 
OMY OCZ CZ   sing N N 125 
OMY CZ  CE2  sing Y N 126 
OMY CZ  CE1  doub Y N 127 
OMY CE2 CD2  doub Y N 128 
OMY CD2 CG   sing Y N 129 
OMY CG  CD1  doub Y N 130 
OMY CG  CB   sing N N 131 
OMY CD1 CE1  sing Y N 132 
OMY CE1 CL   sing N N 133 
OMY C   O    doub N N 134 
OMY C   CA   sing N N 135 
OMY C   OXT  sing N N 136 
OMY CA  CB   sing N N 137 
OMY CB  ODE  sing N N 138 
OMY N   H    sing N N 139 
OMY N   H2   sing N N 140 
OMY CA  HA   sing N N 141 
OMY OCZ HCZ  sing N N 142 
OMY CE2 HE2  sing N N 143 
OMY CD2 HD2  sing N N 144 
OMY CD1 HD1  sing N N 145 
OMY CB  HB   sing N N 146 
OMY OXT HXT  sing N N 147 
OMY ODE HDE  sing N N 148 
OMZ N   CA   sing N N 149 
OMZ CA  C    sing N N 150 
OMZ CA  CB   sing N N 151 
OMZ C   O    doub N N 152 
OMZ C   OXT  sing N N 153 
OMZ CL  CE1  sing N N 154 
OMZ CB  OC   sing N N 155 
OMZ CB  CG   sing N N 156 
OMZ CG  CD1  doub Y N 157 
OMZ CG  CD2  sing Y N 158 
OMZ CD1 CE1  sing Y N 159 
OMZ CD2 CE2  doub Y N 160 
OMZ CE1 CZ   doub Y N 161 
OMZ CE2 CZ   sing Y N 162 
OMZ CZ  OH   sing N N 163 
OMZ N   H    sing N N 164 
OMZ N   H2   sing N N 165 
OMZ CA  HA   sing N N 166 
OMZ CB  HB   sing N N 167 
OMZ OXT HXT  sing N N 168 
OMZ OC  HC   sing N N 169 
OMZ CD1 HD1  sing N N 170 
OMZ CD2 HD2  sing N N 171 
OMZ CE2 HE2  sing N N 172 
OMZ OH  HH   sing N N 173 
RER C1  C2   sing N N 174 
RER C1  O5   sing N N 175 
RER C1  O1   sing N N 176 
RER C2  C3   sing N N 177 
RER C3  N3   sing N N 178 
RER C3  C3A  sing N N 179 
RER C3  C4   sing N N 180 
RER C4  O4   sing N N 181 
RER C4  C5   sing N N 182 
RER C5  O5   sing N N 183 
RER C5  C5A  sing N N 184 
RER C1  H1   sing N N 185 
RER C2  H21C sing N N 186 
RER C2  H22C sing N N 187 
RER O1  HO1  sing N N 188 
RER N3  H31N sing N N 189 
RER N3  H32N sing N N 190 
RER C3A H3A1 sing N N 191 
RER C3A H3A2 sing N N 192 
RER C3A H3A3 sing N N 193 
RER C4  H4   sing N N 194 
RER O4  HO4  sing N N 195 
RER C5  H5   sing N N 196 
RER C5A H5A1 sing N N 197 
RER C5A H5A2 sing N N 198 
RER C5A H5A3 sing N N 199 
# 
loop_
_pdbx_entity_branch_list.entity_id 
_pdbx_entity_branch_list.comp_id 
_pdbx_entity_branch_list.num 
_pdbx_entity_branch_list.hetero 
2 BGC 1 n 
2 RER 2 n 
# 
_atom_sites.entry_id                    1QD8 
_atom_sites.fract_transf_matrix[1][1]   -0.00096915 
_atom_sites.fract_transf_matrix[1][2]   0.03468522 
_atom_sites.fract_transf_matrix[1][3]   0.00303232 
_atom_sites.fract_transf_matrix[2][1]   -0.02883026 
_atom_sites.fract_transf_matrix[2][2]   0.00090135 
_atom_sites.fract_transf_matrix[2][3]   -0.01952440 
_atom_sites.fract_transf_matrix[3][1]   -0.00839391 
_atom_sites.fract_transf_matrix[3][2]   -0.00131283 
_atom_sites.fract_transf_matrix[3][3]   0.01233407 
_atom_sites.fract_transf_vector[1]      -0.048684 
_atom_sites.fract_transf_vector[2]      0.239043 
_atom_sites.fract_transf_vector[3]      0.013573 
# 
loop_
_atom_type.symbol 
C  
CL 
N  
O  
# 
loop_
_atom_site.group_PDB 
_atom_site.id 
_atom_site.type_symbol 
_atom_site.label_atom_id 
_atom_site.label_alt_id 
_atom_site.label_comp_id 
_atom_site.label_asym_id 
_atom_site.label_entity_id 
_atom_site.label_seq_id 
_atom_site.pdbx_PDB_ins_code 
_atom_site.Cartn_x 
_atom_site.Cartn_y 
_atom_site.Cartn_z 
_atom_site.occupancy 
_atom_site.B_iso_or_equiv 
_atom_site.pdbx_formal_charge 
_atom_site.auth_seq_id 
_atom_site.auth_comp_id 
_atom_site.auth_asym_id 
_atom_site.auth_atom_id 
_atom_site.pdbx_PDB_model_num 
HETATM 1   N  N   . MLU A 1 1 ? 0.799   12.036  -4.271 1.00 5.65  ? 1   MLU A N   1 
HETATM 2   C  CN  . MLU A 1 1 ? 0.005   12.474  -5.478 1.00 8.07  ? 1   MLU A CN  1 
HETATM 3   C  CA  . MLU A 1 1 ? 0.400   10.720  -3.712 1.00 4.90  ? 1   MLU A CA  1 
HETATM 4   C  C   . MLU A 1 1 ? 0.584   9.661   -4.820 1.00 4.52  ? 1   MLU A C   1 
HETATM 5   O  O   . MLU A 1 1 ? 1.672   9.545   -5.402 1.00 6.61  ? 1   MLU A O   1 
HETATM 6   C  CB  . MLU A 1 1 ? 1.248   10.329  -2.502 1.00 5.64  ? 1   MLU A CB  1 
HETATM 7   C  CG  . MLU A 1 1 ? 1.221   11.279  -1.261 1.00 5.74  ? 1   MLU A CG  1 
HETATM 8   C  CD1 . MLU A 1 1 ? -0.127  11.420  -0.693 1.00 10.12 ? 1   MLU A CD1 1 
HETATM 9   C  CD2 . MLU A 1 1 ? 2.128   10.714  -0.190 1.00 9.15  ? 1   MLU A CD2 1 
HETATM 10  N  N   . OMZ A 1 2 ? -0.460  8.816   -5.080 1.00 3.84  ? 2   OMZ A N   1 
HETATM 11  C  CA  . OMZ A 1 2 ? -0.386  7.828   -6.152 1.00 3.99  ? 2   OMZ A CA  1 
HETATM 12  C  C   . OMZ A 1 2 ? 0.216   6.458   -5.740 1.00 3.91  ? 2   OMZ A C   1 
HETATM 13  O  O   . OMZ A 1 2 ? 0.398   5.562   -6.609 1.00 4.48  ? 2   OMZ A O   1 
HETATM 14  C  CB  . OMZ A 1 2 ? -1.760  7.552   -6.881 1.00 4.37  ? 2   OMZ A CB  1 
HETATM 15  O  OC  . OMZ A 1 2 ? -2.353  8.794   -7.302 1.00 4.90  ? 2   OMZ A OC  1 
HETATM 16  C  CG  . OMZ A 1 2 ? -2.721  6.767   -6.006 1.00 4.23  ? 2   OMZ A CG  1 
HETATM 17  C  CD1 . OMZ A 1 2 ? -2.870  5.414   -6.214 1.00 4.82  ? 2   OMZ A CD1 1 
HETATM 18  C  CD2 . OMZ A 1 2 ? -3.440  7.389   -4.955 1.00 4.55  ? 2   OMZ A CD2 1 
HETATM 19  C  CE1 . OMZ A 1 2 ? -3.676  4.612   -5.370 1.00 5.18  ? 2   OMZ A CE1 1 
HETATM 20  CL CL  . OMZ A 1 2 ? -3.878  2.925   -5.686 1.00 8.37  ? 2   OMZ A CL  1 
HETATM 21  C  CE2 . OMZ A 1 2 ? -4.223  6.601   -4.105 1.00 4.97  ? 2   OMZ A CE2 1 
HETATM 22  C  CZ  . OMZ A 1 2 ? -4.309  5.226   -4.303 1.00 4.89  ? 2   OMZ A CZ  1 
HETATM 23  O  OH  . OMZ A 1 2 ? -5.038  4.431   -3.364 1.00 5.72  ? 2   OMZ A OH  1 
ATOM   24  N  N   . ASN A 1 3 ? 0.566   6.301   -4.443 1.00 3.74  ? 3   ASN A N   1 
ATOM   25  C  CA  . ASN A 1 3 ? 1.382   5.155   -3.999 1.00 3.70  ? 3   ASN A CA  1 
ATOM   26  C  C   . ASN A 1 3 ? 0.564   4.032   -3.338 1.00 3.31  ? 3   ASN A C   1 
ATOM   27  O  O   . ASN A 1 3 ? 0.452   2.926   -3.927 1.00 3.94  ? 3   ASN A O   1 
ATOM   28  C  CB  . ASN A 1 3 ? 2.607   5.626   -3.181 1.00 3.89  ? 3   ASN A CB  1 
ATOM   29  C  CG  . ASN A 1 3 ? 2.313   6.652   -2.059 1.00 3.74  ? 3   ASN A CG  1 
ATOM   30  O  OD1 . ASN A 1 3 ? 1.120   6.875   -1.679 1.00 4.22  ? 3   ASN A OD1 1 
ATOM   31  N  ND2 . ASN A 1 3 ? 3.373   7.253   -1.564 1.00 4.81  ? 3   ASN A ND2 1 
HETATM 32  N  N   . GHP A 1 4 ? 0.010   4.285   -2.130 1.00 3.40  ? 4   GHP A N   1 
HETATM 33  C  CA  . GHP A 1 4 ? -0.600  3.206   -1.306 1.00 3.53  ? 4   GHP A CA  1 
HETATM 34  C  C   . GHP A 1 4 ? -0.041  3.291   0.114  1.00 3.65  ? 4   GHP A C   1 
HETATM 35  O  O   . GHP A 1 4 ? 0.087   4.384   0.702  1.00 3.86  ? 4   GHP A O   1 
HETATM 36  C  C1  . GHP A 1 4 ? -2.150  3.197   -1.322 1.00 3.88  ? 4   GHP A C1  1 
HETATM 37  C  C2  . GHP A 1 4 ? -2.857  2.477   -0.354 1.00 3.96  ? 4   GHP A C2  1 
HETATM 38  C  C3  . GHP A 1 4 ? -4.270  2.474   -0.378 1.00 4.35  ? 4   GHP A C3  1 
HETATM 39  C  C4  . GHP A 1 4 ? -4.985  3.103   -1.396 1.00 4.54  ? 4   GHP A C4  1 
HETATM 40  O  O4  . GHP A 1 4 ? -6.386  3.148   -1.422 1.00 5.32  ? 4   GHP A O4  1 
HETATM 41  C  C5  . GHP A 1 4 ? -4.255  3.783   -2.383 1.00 4.62  ? 4   GHP A C5  1 
HETATM 42  C  C6  . GHP A 1 4 ? -2.858  3.831   -2.339 1.00 4.19  ? 4   GHP A C6  1 
HETATM 43  N  N   . GHP A 1 5 ? 0.229   2.088   0.678  1.00 3.68  ? 5   GHP A N   1 
HETATM 44  C  CA  . GHP A 1 5 ? 0.379   1.950   2.120  1.00 3.66  ? 5   GHP A CA  1 
HETATM 45  C  C   . GHP A 1 5 ? -0.024  0.479   2.476  1.00 3.80  ? 5   GHP A C   1 
HETATM 46  O  O   . GHP A 1 5 ? 0.071   -0.407  1.596  1.00 4.55  ? 5   GHP A O   1 
HETATM 47  C  C1  . GHP A 1 5 ? 1.770   2.128   2.772  1.00 3.90  ? 5   GHP A C1  1 
HETATM 48  C  C2  . GHP A 1 5 ? 1.916   3.069   3.808  1.00 3.87  ? 5   GHP A C2  1 
HETATM 49  C  C3  . GHP A 1 5 ? 3.076   3.106   4.634  1.00 4.31  ? 5   GHP A C3  1 
HETATM 50  C  C4  . GHP A 1 5 ? 4.111   2.185   4.363  1.00 4.71  ? 5   GHP A C4  1 
HETATM 51  O  O4  . GHP A 1 5 ? 5.198   2.176   5.198  1.00 6.04  ? 5   GHP A O4  1 
HETATM 52  C  C5  . GHP A 1 5 ? 3.987   1.296   3.264  1.00 5.04  ? 5   GHP A C5  1 
HETATM 53  C  C6  . GHP A 1 5 ? 2.846   1.273   2.474  1.00 4.22  ? 5   GHP A C6  1 
HETATM 54  N  N   . OMY A 1 6 ? -0.396  0.193   3.743  1.00 4.02  ? 6   OMY A N   1 
HETATM 55  C  CA  . OMY A 1 6 ? -0.617  1.103   4.858  1.00 4.23  ? 6   OMY A CA  1 
HETATM 56  O  OCZ . OMY A 1 6 ? -5.047  1.850   0.629  1.00 5.12  ? 6   OMY A OCZ 1 
HETATM 57  C  CE2 . OMY A 1 6 ? -4.203  0.314   2.313  1.00 4.47  ? 6   OMY A CE2 1 
HETATM 58  C  CE1 . OMY A 1 6 ? -3.997  2.690   2.688  1.00 4.66  ? 6   OMY A CE1 1 
HETATM 59  C  CZ  . OMY A 1 6 ? -4.401  1.625   1.864  1.00 4.31  ? 6   OMY A CZ  1 
HETATM 60  C  CG  . OMY A 1 6 ? -3.028  1.132   4.273  1.00 4.04  ? 6   OMY A CG  1 
HETATM 61  C  CD2 . OMY A 1 6 ? -3.528  0.066   3.510  1.00 3.98  ? 6   OMY A CD2 1 
HETATM 62  C  CD1 . OMY A 1 6 ? -3.309  2.457   3.884  1.00 4.38  ? 6   OMY A CD1 1 
HETATM 63  C  CB  . OMY A 1 6 ? -2.054  0.932   5.451  1.00 4.25  ? 6   OMY A CB  1 
HETATM 64  CL CL  . OMY A 1 6 ? -4.301  4.364   2.206  1.00 5.88  ? 6   OMY A CL  1 
HETATM 65  O  O   . OMY A 1 6 ? 1.127   -0.119  6.039  1.00 5.51  ? 6   OMY A O   1 
HETATM 66  C  C   . OMY A 1 6 ? 0.536   0.950   5.874  1.00 4.51  ? 6   OMY A C   1 
HETATM 67  O  ODE . OMY A 1 6 ? -2.191  -0.389  6.003  1.00 5.17  ? 6   OMY A ODE 1 
HETATM 68  N  N   . 3FG A 1 7 ? 0.864   2.085   6.559  1.00 4.67  ? 7   3FG A N   1 
HETATM 69  O  OD1 . 3FG A 1 7 ? 3.926   5.882   4.424  1.00 4.73  ? 7   3FG A OD1 1 
HETATM 70  C  CD1 . 3FG A 1 7 ? 3.548   5.381   5.650  1.00 4.29  ? 7   3FG A CD1 1 
HETATM 71  C  CG1 . 3FG A 1 7 ? 3.124   4.046   5.800  1.00 4.34  ? 7   3FG A CG1 1 
HETATM 72  C  CZ  . 3FG A 1 7 ? 3.602   6.280   6.734  1.00 4.57  ? 7   3FG A CZ  1 
HETATM 73  C  CD2 . 3FG A 1 7 ? 3.187   5.838   7.998  1.00 4.56  ? 7   3FG A CD2 1 
HETATM 74  O  OD2 . 3FG A 1 7 ? 3.178   6.632   9.118  1.00 5.51  ? 7   3FG A OD2 1 
HETATM 75  C  CG2 . 3FG A 1 7 ? 2.742   4.505   8.182  1.00 4.95  ? 7   3FG A CG2 1 
HETATM 76  C  CB  . 3FG A 1 7 ? 2.703   3.624   7.104  1.00 4.58  ? 7   3FG A CB  1 
HETATM 77  C  CA  . 3FG A 1 7 ? 2.154   2.175   7.256  1.00 5.14  ? 7   3FG A CA  1 
HETATM 78  C  C   . 3FG A 1 7 ? 2.050   1.766   8.786  1.00 5.82  ? 7   3FG A C   1 
HETATM 79  O  O   . 3FG A 1 7 ? 0.922   1.767   9.337  1.00 7.21  ? 7   3FG A O   1 
HETATM 80  O  OXT . 3FG A 1 7 ? 3.168   1.495   9.342  1.00 8.10  ? 7   3FG A OXT 1 
HETATM 81  N  N   . MLU B 1 1 ? -1.750  -12.175 3.653  1.00 5.93  ? 1   MLU B N   1 
HETATM 82  C  CN  . MLU B 1 1 ? -2.952  -12.611 4.469  1.00 7.56  ? 1   MLU B CN  1 
HETATM 83  C  CA  . MLU B 1 1 ? -1.784  -10.779 3.175  1.00 6.14  ? 1   MLU B CA  1 
HETATM 84  C  C   . MLU B 1 1 ? -1.915  -9.867  4.402  1.00 5.78  ? 1   MLU B C   1 
HETATM 85  O  O   . MLU B 1 1 ? -1.256  -10.144 5.442  1.00 7.40  ? 1   MLU B O   1 
HETATM 86  C  CB  . MLU B 1 1 ? -0.510  -10.423 2.434  1.00 8.24  ? 1   MLU B CB  1 
HETATM 87  C  CG  . MLU B 1 1 ? -0.201  -11.228 1.140  1.00 8.73  ? 1   MLU B CG  1 
HETATM 88  C  CD1 . MLU B 1 1 ? -1.182  -11.084 0.115  1.00 13.93 ? 1   MLU B CD1 1 
HETATM 89  C  CD2 . MLU B 1 1 ? 1.185   -10.948 0.623  1.00 10.23 ? 1   MLU B CD2 1 
HETATM 90  N  N   . OMZ B 1 2 ? -2.713  -8.787  4.309  1.00 5.89  ? 2   OMZ B N   1 
HETATM 91  C  CA  . OMZ B 1 2 ? -2.960  -7.951  5.490  1.00 6.00  ? 2   OMZ B CA  1 
HETATM 92  C  C   . OMZ B 1 2 ? -2.279  -6.572  5.418  1.00 5.24  ? 2   OMZ B C   1 
HETATM 93  O  O   . OMZ B 1 2 ? -2.333  -5.816  6.431  1.00 6.38  ? 2   OMZ B O   1 
HETATM 94  C  CB  . OMZ B 1 2 ? -4.505  -7.786  5.864  1.00 6.23  ? 2   OMZ B CB  1 
HETATM 95  O  OC  . OMZ B 1 2 ? -4.962  -9.166  5.870  1.00 8.42  ? 2   OMZ B OC  1 
HETATM 96  C  CG  . OMZ B 1 2 ? -5.212  -6.921  4.831  1.00 5.64  ? 2   OMZ B CG  1 
HETATM 97  C  CD1 . OMZ B 1 2 ? -5.311  -5.540  5.048  1.00 4.92  ? 2   OMZ B CD1 1 
HETATM 98  C  CD2 . OMZ B 1 2 ? -5.656  -7.434  3.615  1.00 6.16  ? 2   OMZ B CD2 1 
HETATM 99  C  CE1 . OMZ B 1 2 ? -5.788  -4.691  4.047  1.00 4.81  ? 2   OMZ B CE1 1 
HETATM 100 CL CL  . OMZ B 1 2 ? -5.886  -2.958  4.341  1.00 5.89  ? 2   OMZ B CL  1 
HETATM 101 C  CE2 . OMZ B 1 2 ? -6.126  -6.605  2.606  1.00 5.97  ? 2   OMZ B CE2 1 
HETATM 102 C  CZ  . OMZ B 1 2 ? -6.150  -5.214  2.802  1.00 4.73  ? 2   OMZ B CZ  1 
HETATM 103 O  OH  . OMZ B 1 2 ? -6.531  -4.355  1.749  1.00 5.36  ? 2   OMZ B OH  1 
ATOM   104 N  N   . ASN B 1 3 ? -1.595  -6.244  4.311  1.00 5.26  ? 3   ASN B N   1 
ATOM   105 C  CA  . ASN B 1 3 ? -0.632  -5.116  4.250  1.00 5.55  ? 3   ASN B CA  1 
ATOM   106 C  C   . ASN B 1 3 ? -1.094  -3.939  3.380  1.00 4.50  ? 3   ASN B C   1 
ATOM   107 O  O   . ASN B 1 3 ? -1.173  -2.795  3.847  1.00 5.89  ? 3   ASN B O   1 
ATOM   108 C  CB  . ASN B 1 3 ? 0.763   -5.624  3.823  1.00 7.73  ? 3   ASN B CB  1 
ATOM   109 C  CG  . ASN B 1 3 ? 1.239   -6.886  4.609  1.00 10.18 ? 3   ASN B CG  1 
ATOM   110 O  OD1 . ASN B 1 3 ? 1.847   -7.828  3.915  1.00 16.03 ? 3   ASN B OD1 1 
ATOM   111 N  ND2 . ASN B 1 3 ? 0.978   -6.938  5.826  1.00 12.73 ? 3   ASN B ND2 1 
HETATM 112 N  N   . GHP B 1 4 ? -1.376  -4.220  2.082  1.00 4.39  ? 4   GHP B N   1 
HETATM 113 C  CA  . GHP B 1 4 ? -1.670  -3.160  1.083  1.00 3.90  ? 4   GHP B CA  1 
HETATM 114 C  C   . GHP B 1 4 ? -0.763  -3.358  -0.159 1.00 4.28  ? 4   GHP B C   1 
HETATM 115 O  O   . GHP B 1 4 ? -0.672  -4.457  -0.732 1.00 5.48  ? 4   GHP B O   1 
HETATM 116 C  C1  . GHP B 1 4 ? -3.157  -3.175  0.641  1.00 4.25  ? 4   GHP B C1  1 
HETATM 117 C  C2  . GHP B 1 4 ? -3.528  -2.524  -0.538 1.00 5.21  ? 4   GHP B C2  1 
HETATM 118 C  C3  . GHP B 1 4 ? -4.849  -2.546  -0.962 1.00 5.94  ? 4   GHP B C3  1 
HETATM 119 C  C4  . GHP B 1 4 ? -5.852  -3.165  -0.188 1.00 6.04  ? 4   GHP B C4  1 
HETATM 120 O  O4  A GHP B 1 4 ? -7.166  -3.274  -0.627 0.62 5.19  ? 4   GHP B O4  1 
HETATM 121 O  O4  B GHP B 1 4 ? -7.340  -2.670  -0.514 0.38 5.32  ? 4   GHP B O4  1 
HETATM 122 C  C5  . GHP B 1 4 ? -5.471  -3.772  0.998  1.00 4.75  ? 4   GHP B C5  1 
HETATM 123 C  C6  . GHP B 1 4 ? -4.143  -3.818  1.399  1.00 4.65  ? 4   GHP B C6  1 
HETATM 124 N  N   . GHP B 1 5 ? -0.212  -2.214  -0.617 1.00 4.17  ? 5   GHP B N   1 
HETATM 125 C  CA  . GHP B 1 5 ? 0.348   -2.065  -1.964 1.00 4.27  ? 5   GHP B CA  1 
HETATM 126 C  C   . GHP B 1 5 ? -0.037  -0.609  -2.400 1.00 3.96  ? 5   GHP B C   1 
HETATM 127 O  O   . GHP B 1 5 ? -0.372  0.216   -1.524 1.00 4.50  ? 5   GHP B O   1 
HETATM 128 C  C1  . GHP B 1 5 ? 1.893   -2.110  -2.069 1.00 4.62  ? 5   GHP B C1  1 
HETATM 129 C  C2  . GHP B 1 5 ? 2.471   -2.946  -3.043 1.00 5.31  ? 5   GHP B C2  1 
HETATM 130 C  C3  . GHP B 1 5 ? 3.877   -2.857  -3.351 1.00 5.85  ? 5   GHP B C3  1 
HETATM 131 C  C4  . GHP B 1 5 ? 4.657   -1.948  -2.583 1.00 6.14  ? 5   GHP B C4  1 
HETATM 132 O  O4  . GHP B 1 5 ? 6.020   -1.896  -2.872 1.00 7.11  ? 5   GHP B O4  1 
HETATM 133 C  C5  . GHP B 1 5 ? 4.084   -1.189  -1.559 1.00 5.56  ? 5   GHP B C5  1 
HETATM 134 C  C6  . GHP B 1 5 ? 2.694   -1.259  -1.322 1.00 5.38  ? 5   GHP B C6  1 
HETATM 135 N  N   . OMY B 1 6 ? 0.128   -0.219  -3.694 1.00 4.11  ? 6   OMY B N   1 
HETATM 136 C  CA  . OMY B 1 6 ? 0.255   -1.103  -4.871 1.00 4.38  ? 6   OMY B CA  1 
HETATM 137 O  OCZ . OMY B 1 6 ? -5.261  -1.949  -2.169 1.00 7.29  ? 6   OMY B OCZ 1 
HETATM 138 C  CE2 . OMY B 1 6 ? -3.893  -0.388  -3.398 1.00 5.77  ? 6   OMY B CE2 1 
HETATM 139 C  CE1 . OMY B 1 6 ? -3.622  -2.764  -3.772 1.00 6.50  ? 6   OMY B CE1 1 
HETATM 140 C  CZ  . OMY B 1 6 ? -4.264  -1.705  -3.102 1.00 5.99  ? 6   OMY B CZ  1 
HETATM 141 C  CG  . OMY B 1 6 ? -2.209  -1.201  -4.966 1.00 5.00  ? 6   OMY B CG  1 
HETATM 142 C  CD2 . OMY B 1 6 ? -2.873  -0.130  -4.341 1.00 5.30  ? 6   OMY B CD2 1 
HETATM 143 C  CD1 . OMY B 1 6 ? -2.610  -2.525  -4.711 1.00 5.46  ? 6   OMY B CD1 1 
HETATM 144 C  CB  . OMY B 1 6 ? -0.965  -0.960  -5.827 1.00 4.81  ? 6   OMY B CB  1 
HETATM 145 CL CL  . OMY B 1 6 ? -4.095  -4.432  -3.439 1.00 8.75  ? 6   OMY B CL  1 
HETATM 146 O  O   . OMY B 1 6 ? 2.139   0.300   -5.536 1.00 4.48  ? 6   OMY B O   1 
HETATM 147 C  C   . OMY B 1 6 ? 1.639   -0.863  -5.519 1.00 4.54  ? 6   OMY B C   1 
HETATM 148 O  ODE . OMY B 1 6 ? -0.930  0.349   -6.420 1.00 5.09  ? 6   OMY B ODE 1 
HETATM 149 N  N   . 3FG B 1 7 ? 2.310   -1.954  -5.926 1.00 5.70  ? 7   3FG B N   1 
HETATM 150 O  OD1 . 3FG B 1 7 ? 5.128   -5.272  -2.810 1.00 9.89  ? 7   3FG B OD1 1 
HETATM 151 C  CD1 . 3FG B 1 7 ? 5.035   -4.955  -4.117 1.00 8.46  ? 7   3FG B CD1 1 
HETATM 152 C  CG1 . 3FG B 1 7 ? 4.434   -3.685  -4.450 1.00 6.98  ? 7   3FG B CG1 1 
HETATM 153 C  CZ  . 3FG B 1 7 ? 5.579   -5.795  -5.107 1.00 9.91  ? 7   3FG B CZ  1 
HETATM 154 C  CD2 . 3FG B 1 7 ? 5.462   -5.413  -6.460 1.00 10.10 ? 7   3FG B CD2 1 
HETATM 155 O  OD2 . 3FG B 1 7 ? 5.931   -6.228  -7.465 1.00 13.88 ? 7   3FG B OD2 1 
HETATM 156 C  CG2 . 3FG B 1 7 ? 4.870   -4.193  -6.786 1.00 8.75  ? 7   3FG B CG2 1 
HETATM 157 C  CB  . 3FG B 1 7 ? 4.350   -3.343  -5.829 1.00 6.96  ? 7   3FG B CB  1 
HETATM 158 C  CA  . 3FG B 1 7 ? 3.732   -1.962  -6.228 1.00 6.87  ? 7   3FG B CA  1 
HETATM 159 C  C   . 3FG B 1 7 ? 4.022   -1.601  -7.765 1.00 9.38  ? 7   3FG B C   1 
HETATM 160 O  O   . 3FG B 1 7 ? 3.127   -1.818  -8.596 1.00 13.18 ? 7   3FG B O   1 
HETATM 161 O  OXT . 3FG B 1 7 ? 5.161   -1.137  -7.963 1.00 12.05 ? 7   3FG B OXT 1 
HETATM 162 C  C2  . BGC C 2 . ? -8.494  2.003   -1.420 1.00 8.02  ? 1   BGC C C2  1 
HETATM 163 C  C3  . BGC C 2 . ? -9.263  0.756   -1.755 1.00 10.33 ? 1   BGC C C3  1 
HETATM 164 C  C4  . BGC C 2 . ? -8.971  0.393   -3.271 1.00 9.90  ? 1   BGC C C4  1 
HETATM 165 C  C5  . BGC C 2 . ? -7.427  0.399   -3.566 1.00 10.03 ? 1   BGC C C5  1 
HETATM 166 C  C6  . BGC C 2 . ? -7.054  0.239   -5.035 1.00 11.28 ? 1   BGC C C6  1 
HETATM 167 C  C1  . BGC C 2 . ? -7.040  1.890   -1.711 1.00 6.84  ? 1   BGC C C1  1 
HETATM 168 O  O2  . BGC C 2 . ? -8.696  2.294   0.017  1.00 8.46  ? 1   BGC C O2  1 
HETATM 169 O  O3  . BGC C 2 . ? -10.702 0.959   -1.515 1.00 13.13 ? 1   BGC C O3  1 
HETATM 170 O  O4  . BGC C 2 . ? -9.456  -0.935  -3.571 1.00 13.52 ? 1   BGC C O4  1 
HETATM 171 O  O5  . BGC C 2 . ? -6.871  1.655   -3.110 1.00 7.47  ? 1   BGC C O5  1 
HETATM 172 O  O6  . BGC C 2 . ? -7.742  1.122   -5.793 1.00 13.96 ? 1   BGC C O6  1 
HETATM 173 C  C1  . RER C 2 . ? -9.615  3.372   0.336  1.00 9.49  ? 2   RER C C1  1 
HETATM 174 C  C2  . RER C 2 . ? -9.959  3.284   1.796  1.00 10.05 ? 2   RER C C2  1 
HETATM 175 C  C3  . RER C 2 . ? -8.805  3.880   2.681  1.00 8.63  ? 2   RER C C3  1 
HETATM 176 N  N3  . RER C 2 . ? -9.406  4.097   4.081  1.00 11.21 ? 2   RER C N3  1 
HETATM 177 C  C3A . RER C 2 . ? -7.678  2.927   2.905  1.00 8.45  ? 2   RER C C3A 1 
HETATM 178 C  C4  . RER C 2 . ? -8.350  5.218   2.115  1.00 10.31 ? 2   RER C C4  1 
HETATM 179 O  O4  . RER C 2 . ? -9.625  6.004   2.183  1.00 11.74 ? 2   RER C O4  1 
HETATM 180 C  C5  . RER C 2 . ? -7.904  5.099   0.657  1.00 9.87  ? 2   RER C C5  1 
HETATM 181 O  O5  . RER C 2 . ? -9.054  4.605   -0.113 1.00 11.42 ? 2   RER C O5  1 
HETATM 182 C  C5A . RER C 2 . ? -7.341  6.352   0.044  1.00 12.65 ? 2   RER C C5A 1 
HETATM 183 C  C2  A BGC D 2 . ? -9.223  -4.342  -1.125 0.62 5.91  ? 1   BGC D C2  1 
HETATM 184 C  C2  B BGC D 2 . ? -9.471  -3.537  -1.142 0.38 6.40  ? 1   BGC D C2  1 
HETATM 185 C  C3  A BGC D 2 . ? -9.947  -5.458  -1.848 0.62 6.72  ? 1   BGC D C3  1 
HETATM 186 C  C3  B BGC D 2 . ? -10.274 -4.512  -1.998 0.38 6.85  ? 1   BGC D C3  1 
HETATM 187 C  C4  A BGC D 2 . ? -9.135  -5.979  -3.099 0.62 7.39  ? 1   BGC D C4  1 
HETATM 188 C  C4  B BGC D 2 . ? -9.679  -4.566  -3.444 0.38 8.10  ? 1   BGC D C4  1 
HETATM 189 C  C5  A BGC D 2 . ? -7.656  -6.246  -2.671 0.62 7.23  ? 1   BGC D C5  1 
HETATM 190 C  C5  B BGC D 2 . ? -8.125  -4.790  -3.373 0.38 7.71  ? 1   BGC D C5  1 
HETATM 191 C  C6  A BGC D 2 . ? -6.768  -6.793  -3.767 0.62 7.76  ? 1   BGC D C6  1 
HETATM 192 C  C6  B BGC D 2 . ? -7.642  -6.176  -3.724 0.38 10.09 ? 1   BGC D C6  1 
HETATM 193 C  C1  A BGC D 2 . ? -7.746  -4.552  -0.966 0.62 5.49  ? 1   BGC D C1  1 
HETATM 194 C  C1  B BGC D 2 . ? -7.990  -3.752  -1.224 0.38 5.52  ? 1   BGC D C1  1 
HETATM 195 O  O2  A BGC D 2 . ? -9.852  -4.185  0.214  0.62 6.75  ? 1   BGC D O2  1 
HETATM 196 O  O2  B BGC D 2 . ? -9.898  -3.802  0.260  0.38 7.10  ? 1   BGC D O2  1 
HETATM 197 O  O3  A BGC D 2 . ? -11.265 -5.028  -2.286 0.62 7.54  ? 1   BGC D O3  1 
HETATM 198 O  O3  B BGC D 2 . ? -11.670 -4.050  -2.118 0.38 6.34  ? 1   BGC D O3  1 
HETATM 199 O  O4  A BGC D 2 . ? -9.761  -7.175  -3.608 0.62 9.24  ? 1   BGC D O4  1 
HETATM 200 O  O4  B BGC D 2 . ? -10.328 -5.520  -4.243 0.38 8.55  ? 1   BGC D O4  1 
HETATM 201 O  O5  A BGC D 2 . ? -7.154  -4.962  -2.210 0.62 6.23  ? 1   BGC D O5  1 
HETATM 202 O  O5  B BGC D 2 . ? -7.550  -3.740  -2.558 0.38 6.73  ? 1   BGC D O5  1 
HETATM 203 O  O6  A BGC D 2 . ? -5.568  -7.232  -3.296 0.62 9.10  ? 1   BGC D O6  1 
HETATM 204 O  O6  B BGC D 2 . ? -6.996  -6.160  -4.924 0.38 14.84 ? 1   BGC D O6  1 
HETATM 205 C  C1  . RER D 2 . ? -10.645 -2.984  0.621  1.00 6.67  ? 2   RER D C1  1 
HETATM 206 C  C2  . RER D 2 . ? -11.434 -3.376  1.930  1.00 5.90  ? 2   RER D C2  1 
HETATM 207 C  C3  . RER D 2 . ? -10.501 -3.422  3.165  1.00 4.61  ? 2   RER D C3  1 
HETATM 208 N  N3  . RER D 2 . ? -11.389 -3.494  4.414  1.00 4.75  ? 2   RER D N3  1 
HETATM 209 C  C3A . RER D 2 . ? -9.631  -4.675  3.198  1.00 4.88  ? 2   RER D C3A 1 
HETATM 210 C  C4  . RER D 2 . ? -9.676  -2.130  3.242  1.00 5.00  ? 2   RER D C4  1 
HETATM 211 O  O4  . RER D 2 . ? -10.634 -1.038  3.526  1.00 6.78  ? 2   RER D O4  1 
HETATM 212 C  C5  . RER D 2 . ? -8.902  -1.897  1.940  1.00 6.02  ? 2   RER D C5  1 
HETATM 213 O  O5  . RER D 2 . ? -9.876  -1.795  0.826  1.00 7.29  ? 2   RER D O5  1 
HETATM 214 C  C5A . RER D 2 . ? -8.083  -0.601  1.953  1.00 7.17  ? 2   RER D C5A 1 
HETATM 215 CL CL  . CL  E 3 . ? -2.607  5.061   -9.738 1.00 9.10  ? 12  CL  A CL  1 
HETATM 216 CL CL  . CL  F 3 . ? -0.844  4.678   5.790  1.00 5.52  ? 13  CL  A CL  1 
HETATM 217 C  C1  . AAC G 4 . ? -2.804  -7.631  0.982  1.00 8.83  ? 11  AAC B C1  1 
HETATM 218 C  C2  . AAC G 4 . ? -3.259  -7.283  -0.418 1.00 10.79 ? 11  AAC B C2  1 
HETATM 219 C  C3  . AAC G 4 . ? -1.866  -7.489  -2.389 1.00 17.30 ? 11  AAC B C3  1 
HETATM 220 C  C4  . AAC G 4 . ? -0.813  -6.808  -3.239 1.00 20.68 ? 11  AAC B C4  1 
HETATM 221 N  N1  . AAC G 4 . ? -2.248  -6.870  -1.290 1.00 14.82 ? 11  AAC B N1  1 
HETATM 222 O  O1  . AAC G 4 . ? -3.516  -8.442  1.662  1.00 8.89  ? 11  AAC B O1  1 
HETATM 223 O  O2  . AAC G 4 . ? -1.733  -7.100  1.427  1.00 8.61  ? 11  AAC B O2  1 
HETATM 224 O  O3  . AAC G 4 . ? -2.405  -8.531  -2.736 1.00 22.41 ? 11  AAC B O3  1 
HETATM 225 CL CL  . CL  H 3 . ? 0.416   -4.582  -5.826 1.00 11.29 ? 12  CL  B CL  1 
HETATM 226 O  O   . HOH I 5 . ? 2.986   5.072   1.471  0.50 6.44  ? 110 HOH A O   1 
HETATM 227 O  O   . HOH I 5 . ? -11.816 0.427   1.064  1.00 17.29 ? 111 HOH A O   1 
HETATM 228 O  O   . HOH I 5 . ? 0.283   14.460  -2.910 1.00 16.69 ? 112 HOH A O   1 
HETATM 229 O  O   . HOH I 5 . ? -6.059  9.643   -3.410 1.00 20.83 ? 113 HOH A O   1 
HETATM 230 O  O   . HOH I 5 . ? -4.678  -12.671 1.516  1.00 17.65 ? 114 HOH A O   1 
HETATM 231 O  O   . HOH I 5 . ? -8.921  9.029   2.522  1.00 25.66 ? 115 HOH A O   1 
HETATM 232 O  O   . HOH I 5 . ? -11.970 5.495   4.405  1.00 23.08 ? 116 HOH A O   1 
HETATM 233 O  O   . HOH I 5 . ? -9.491  -7.929  1.005  1.00 16.02 ? 117 HOH A O   1 
HETATM 234 O  O   . HOH I 5 . ? 2.531   -2.230  4.826  1.00 20.20 ? 118 HOH A O   1 
HETATM 235 O  O   . HOH I 5 . ? -6.160  -9.674  -1.726 1.00 24.93 ? 119 HOH A O   1 
HETATM 236 O  O   . HOH I 5 . ? 1.144   -7.167  0.399  1.00 19.73 ? 120 HOH A O   1 
HETATM 237 O  O   . HOH I 5 . ? -3.981  -13.324 -1.130 1.00 17.08 ? 121 HOH A O   1 
HETATM 238 O  O   . HOH I 5 . ? 7.136   0.346   5.044  1.00 20.41 ? 122 HOH A O   1 
HETATM 239 O  O   . HOH I 5 . ? 7.408   -1.458  -5.330 1.00 27.71 ? 123 HOH A O   1 
HETATM 240 O  O   . HOH I 5 . ? 6.229   -7.700  -2.227 1.00 23.00 ? 124 HOH A O   1 
HETATM 241 O  O   . HOH I 5 . ? -12.660 -1.576  -2.269 1.00 32.09 ? 125 HOH A O   1 
HETATM 242 O  O   . HOH I 5 . ? 4.967   -9.943  -3.539 1.00 35.24 ? 126 HOH A O   1 
HETATM 243 O  O   A HOH I 5 . ? -7.340  -3.095  -4.486 0.62 13.40 ? 127 HOH A O   1 
HETATM 244 O  O   . HOH I 5 . ? 2.854   -4.812  0.439  1.00 33.05 ? 128 HOH A O   1 
HETATM 245 O  O   . HOH I 5 . ? -9.235  -12.654 -0.971 1.00 26.50 ? 129 HOH A O   1 
HETATM 246 O  O   . HOH I 5 . ? 0.920   -3.105  -8.684 1.00 27.82 ? 130 HOH A O   1 
HETATM 247 O  O   . HOH I 5 . ? -3.987  -7.813  -5.676 1.00 28.31 ? 131 HOH A O   1 
HETATM 248 O  O   . HOH I 5 . ? -8.872  10.256  0.000  1.00 28.66 ? 132 HOH A O   1 
HETATM 249 O  O   . HOH I 5 . ? 7.389   -8.563  -6.364 1.00 28.63 ? 133 HOH A O   1 
HETATM 250 O  O   . HOH I 5 . ? 3.381   2.112   11.933 1.00 33.10 ? 134 HOH A O   1 
HETATM 251 O  O   . HOH I 5 . ? -0.006  -10.532 -3.526 1.00 28.64 ? 135 HOH A O   1 
HETATM 252 O  O   . HOH I 5 . ? -10.401 9.417   4.796  1.00 26.38 ? 136 HOH A O   1 
HETATM 253 O  O   . HOH I 5 . ? -9.567  -9.410  -1.190 1.00 43.08 ? 137 HOH A O   1 
HETATM 254 O  O   A HOH I 5 . ? -4.350  -1.503  8.160  0.58 6.09  ? 138 HOH A O   1 
HETATM 255 O  O   B HOH I 5 . ? -4.470  -1.580  7.427  0.42 5.50  ? 138 HOH A O   1 
HETATM 256 O  O   A HOH I 5 . ? -3.903  -10.901 -2.556 0.69 22.49 ? 139 HOH A O   1 
HETATM 257 O  O   B HOH I 5 . ? -3.555  -11.732 -3.171 0.31 22.54 ? 139 HOH A O   1 
HETATM 258 O  O   . HOH I 5 . ? 7.555   -0.454  -1.191 1.00 7.81  ? 140 HOH A O   1 
HETATM 259 O  O   . HOH I 5 . ? -7.918  -9.893  2.496  1.00 9.02  ? 141 HOH A O   1 
HETATM 260 O  O   . HOH I 5 . ? -2.673  -6.666  9.070  1.00 7.65  ? 142 HOH A O   1 
HETATM 261 O  O   . HOH I 5 . ? -5.619  -9.865  0.836  1.00 14.56 ? 143 HOH A O   1 
HETATM 262 O  O   . HOH I 5 . ? -1.279  0.058   8.619  1.00 12.77 ? 144 HOH A O   1 
HETATM 263 O  O   . HOH I 5 . ? 1.913   -2.571  2.234  1.00 11.06 ? 145 HOH A O   1 
HETATM 264 O  O   . HOH I 5 . ? -3.135  10.862  -4.130 1.00 7.58  ? 146 HOH A O   1 
HETATM 265 O  O   . HOH I 5 . ? -2.635  -3.090  6.635  1.00 11.43 ? 147 HOH A O   1 
HETATM 266 O  O   . HOH I 5 . ? -3.114  0.231   -8.168 1.00 19.37 ? 148 HOH A O   1 
HETATM 267 O  O   . HOH I 5 . ? -7.801  4.826   -3.969 1.00 30.96 ? 149 HOH A O   1 
# 
